data_1MIU
#
_entry.id   1MIU
#
_cell.length_a   160.509
_cell.length_b   228.271
_cell.length_c   81.715
_cell.angle_alpha   90
_cell.angle_beta   90
_cell.angle_gamma   90
#
_symmetry.space_group_name_H-M   'C 2 2 2'
#
loop_
_entity.id
_entity.type
_entity.pdbx_description
1 polymer 'Deleted in split hand/split foot protein 1'
2 polymer 'Breast Cancer type 2 susceptibility protein'
3 non-polymer 'MERCURY (II) ION'
#
loop_
_entity_poly.entity_id
_entity_poly.type
_entity_poly.pdbx_seq_one_letter_code
_entity_poly.pdbx_strand_id
1 'polypeptide(L)' MSEKKQPVDLGLLEEDDEFEEFPAEDWAGLDEDEDAHVWEDNWDDDNVEDDFSNQLRAELEKHGYKMETS B
2 'polypeptide(L)'
;NQKSTDGDREDGNDSHVRQFNKDLMSSLQSARDLQDMRIKNKERRHLRLQPGSLYLTKSSTLPRISLQAAVGDRAPSACS
PKQLYIYGVSKECINVNSKNAEYFQFDIQDHFGKEDLCAGKGFQLADGGWLIPSNDGKAGKEEFYRALCDTPGVDPKLIS
SIWVANHYRWIVWKLAAMEFAFPKEFANRCLNPERVLLQLKYRYDVEIDNSRRSALKKILERDDTAAKTLVLCISDIISP
STKVSETSGGKTSGEDANKVDTIELTDGWYAVRAQLDPPLMALVKSGKLTVGQKIITQGAELVGSPDACAPLEAPDSLRL
KISANSTRPARWHSRLGFFRDPRPFPLPLSSLFSDGGNVGCVDIIVQRVYPLQWVEKTVSGLYIFRSEREEEKEALRFAE
AQQKKLEALFTKVHTEFKDHEEDTTQRCVLSRTLTRQQVHALQDGAELYAAVQYASDPDHLEACFSEEQLRALNNYRQML
NDKKQARIQSEFRKALESAEKEEGLSRDVTTVWKLRVTSYKKKEKSALLSIWRPSSDLSSLLTEGKRYRIYHLAVSKSKS
KFERPSIQLTATKRTQYQQLPVSSETLLQVYQPRESLHFSRLSDPAFQPPCSEVDVVGVVVSVVKPIGLAPLVYLSDECL
NLLVVKFGIDLNEDIKPRVLIAASNLQCQPESTSGVPTLFAGHFSIFSASPKEAYFQEKVNNLKHAIENIDTFYKEAEKK
LIHVLEGDSPKWSTPNKD
;
A
#
# COMPACT_ATOMS: atom_id res chain seq x y z
N PRO A 7 18.01 44.08 -11.00
CA PRO A 7 18.76 43.18 -10.07
C PRO A 7 17.80 42.53 -9.08
N VAL A 8 17.88 41.21 -8.98
CA VAL A 8 17.03 40.43 -8.05
C VAL A 8 17.71 40.29 -6.68
N ASP A 9 17.25 41.03 -5.68
CA ASP A 9 17.89 40.98 -4.36
C ASP A 9 17.70 39.60 -3.73
N LEU A 10 18.74 38.76 -3.83
CA LEU A 10 18.70 37.41 -3.29
C LEU A 10 18.19 37.38 -1.86
N GLY A 11 18.61 38.36 -1.09
CA GLY A 11 18.17 38.41 0.28
C GLY A 11 16.68 38.46 0.35
N LEU A 12 16.02 38.50 -0.79
CA LEU A 12 14.56 38.59 -0.79
C LEU A 12 13.89 37.40 -1.42
N LEU A 13 14.66 36.71 -2.24
CA LEU A 13 14.23 35.51 -2.93
C LEU A 13 13.62 34.45 -1.97
N GLU A 14 12.38 34.04 -2.22
CA GLU A 14 11.71 32.99 -1.42
C GLU A 14 12.35 31.69 -1.89
N GLU A 15 13.54 31.41 -1.39
CA GLU A 15 14.29 30.23 -1.83
C GLU A 15 13.73 28.84 -1.62
N ASP A 16 14.26 27.95 -2.44
CA ASP A 16 13.93 26.53 -2.50
C ASP A 16 13.80 25.83 -1.17
N ASP A 17 14.85 25.87 -0.35
CA ASP A 17 14.88 25.18 0.94
C ASP A 17 14.43 25.94 2.16
N GLU A 18 13.66 26.99 1.99
CA GLU A 18 13.14 27.72 3.13
C GLU A 18 11.89 26.99 3.52
N PHE A 19 12.11 26.02 4.41
CA PHE A 19 11.06 25.15 4.88
C PHE A 19 10.08 25.79 5.81
N GLU A 20 8.95 25.12 5.94
CA GLU A 20 7.85 25.54 6.80
C GLU A 20 7.64 24.39 7.80
N GLU A 21 8.04 24.65 9.03
CA GLU A 21 7.95 23.69 10.11
C GLU A 21 6.51 23.35 10.41
N PHE A 22 5.71 24.40 10.62
CA PHE A 22 4.28 24.28 10.92
C PHE A 22 3.47 24.29 9.62
N PRO A 23 3.29 23.11 8.99
CA PRO A 23 2.52 23.04 7.74
C PRO A 23 1.18 23.76 7.85
N ALA A 24 0.33 23.33 8.80
CA ALA A 24 -0.97 23.95 9.03
C ALA A 24 -0.65 25.35 9.55
N GLU A 25 -0.44 26.28 8.62
CA GLU A 25 -0.10 27.67 8.92
C GLU A 25 -1.27 28.55 9.32
N HIS A 37 -1.54 20.94 -10.93
CA HIS A 37 -1.12 21.79 -9.76
C HIS A 37 -0.46 20.97 -8.63
N VAL A 38 0.87 21.11 -8.54
CA VAL A 38 1.77 20.47 -7.55
C VAL A 38 2.30 19.06 -7.88
N TRP A 39 1.39 18.08 -7.95
CA TRP A 39 1.74 16.69 -8.31
C TRP A 39 0.96 16.34 -9.58
N GLU A 40 1.53 15.46 -10.40
CA GLU A 40 0.86 15.06 -11.63
C GLU A 40 0.46 13.58 -11.58
N ASP A 41 -0.83 13.37 -11.69
CA ASP A 41 -1.46 12.06 -11.69
C ASP A 41 -0.55 10.84 -11.88
N ASN A 42 -0.57 10.25 -13.09
CA ASN A 42 0.21 9.07 -13.44
C ASN A 42 1.69 9.36 -13.53
N TRP A 43 2.49 8.53 -12.87
CA TRP A 43 3.92 8.75 -12.85
C TRP A 43 4.44 9.28 -14.17
N ASP A 44 4.73 8.40 -15.13
CA ASP A 44 5.26 8.86 -16.44
C ASP A 44 4.26 9.18 -17.57
N ASP A 45 4.18 10.47 -17.91
CA ASP A 45 3.31 10.96 -18.98
C ASP A 45 4.15 11.66 -20.06
N ASP A 50 6.21 18.99 -18.41
CA ASP A 50 7.10 20.19 -18.39
C ASP A 50 7.83 20.35 -17.07
N ASP A 51 7.12 20.89 -16.08
CA ASP A 51 7.67 21.15 -14.76
C ASP A 51 8.32 19.97 -14.03
N PHE A 52 7.94 18.74 -14.35
CA PHE A 52 8.55 17.59 -13.68
C PHE A 52 9.74 17.09 -14.49
N SER A 53 10.06 17.81 -15.56
CA SER A 53 11.17 17.45 -16.44
C SER A 53 12.42 18.25 -16.12
N ASN A 54 12.27 19.57 -16.06
CA ASN A 54 13.37 20.48 -15.78
C ASN A 54 13.61 20.83 -14.32
N GLN A 55 14.34 19.96 -13.64
CA GLN A 55 14.66 20.15 -12.23
C GLN A 55 15.86 21.06 -12.00
N LEU A 56 15.59 22.13 -11.28
CA LEU A 56 16.57 23.15 -10.88
C LEU A 56 17.74 22.57 -10.13
N ARG A 57 18.02 21.28 -10.30
CA ARG A 57 19.10 20.69 -9.55
C ARG A 57 19.69 19.44 -10.17
N ALA A 58 18.94 18.79 -11.05
CA ALA A 58 19.42 17.56 -11.68
C ALA A 58 20.34 17.79 -12.86
N GLU A 59 20.19 18.95 -13.50
CA GLU A 59 20.99 19.29 -14.65
C GLU A 59 22.49 19.31 -14.37
N LEU A 60 22.91 19.85 -13.23
CA LEU A 60 24.34 19.84 -12.92
C LEU A 60 24.80 18.40 -12.91
N GLU A 61 23.84 17.48 -13.00
CA GLU A 61 24.15 16.06 -13.02
C GLU A 61 24.24 15.60 -14.46
N LYS A 62 23.46 16.24 -15.32
CA LYS A 62 23.42 15.92 -16.74
C LYS A 62 24.76 16.23 -17.42
N HIS A 63 25.41 17.33 -17.02
CA HIS A 63 26.70 17.73 -17.62
C HIS A 63 27.95 17.19 -16.90
N LYS B 22 50.85 33.43 -3.14
CA LYS B 22 50.86 32.30 -2.18
C LYS B 22 51.12 32.74 -0.73
N ASP B 23 52.07 33.68 -0.56
CA ASP B 23 52.50 34.22 0.75
C ASP B 23 53.75 33.47 1.23
N LEU B 24 54.55 34.12 2.07
CA LEU B 24 55.74 33.45 2.58
C LEU B 24 55.27 32.35 3.55
N MET B 25 54.00 31.99 3.40
CA MET B 25 53.26 30.95 4.12
C MET B 25 53.35 31.02 5.64
N SER B 26 53.75 32.17 6.16
CA SER B 26 53.89 32.33 7.61
C SER B 26 52.87 33.29 8.20
N SER B 27 52.42 34.23 7.39
CA SER B 27 51.44 35.22 7.83
C SER B 27 50.06 34.59 7.96
N LEU B 28 50.00 33.27 7.76
CA LEU B 28 48.74 32.56 7.83
C LEU B 28 48.46 31.99 9.21
N GLN B 29 49.46 31.42 9.88
CA GLN B 29 49.17 30.89 11.20
C GLN B 29 48.90 32.09 12.08
N SER B 30 49.63 33.18 11.82
CA SER B 30 49.43 34.40 12.58
C SER B 30 47.92 34.68 12.57
N ALA B 31 47.37 34.82 11.36
CA ALA B 31 45.95 35.06 11.12
C ALA B 31 45.11 33.95 11.74
N ARG B 32 45.70 32.76 11.81
CA ARG B 32 45.05 31.57 12.35
C ARG B 32 45.10 31.48 13.84
N ASP B 33 46.23 31.81 14.45
CA ASP B 33 46.24 31.70 15.89
C ASP B 33 45.29 32.74 16.46
N LEU B 34 45.25 33.92 15.83
CA LEU B 34 44.34 34.99 16.27
C LEU B 34 42.89 34.56 15.95
N GLN B 35 42.69 33.93 14.80
CA GLN B 35 41.36 33.44 14.46
C GLN B 35 40.97 32.47 15.54
N ASP B 36 41.85 31.50 15.76
CA ASP B 36 41.63 30.44 16.75
C ASP B 36 41.45 30.98 18.17
N MET B 37 42.09 32.09 18.46
CA MET B 37 41.93 32.63 19.79
C MET B 37 40.52 33.23 19.95
N ARG B 38 40.07 34.02 18.98
CA ARG B 38 38.75 34.66 19.03
C ARG B 38 37.73 33.63 19.36
N ILE B 39 37.72 32.56 18.58
CA ILE B 39 36.77 31.48 18.80
C ILE B 39 36.99 31.05 20.25
N LYS B 40 38.25 30.74 20.58
CA LYS B 40 38.66 30.33 21.91
C LYS B 40 37.90 31.17 22.96
N ASN B 41 38.16 32.46 22.99
CA ASN B 41 37.45 33.29 23.95
C ASN B 41 35.97 33.15 23.72
N LYS B 42 35.54 33.48 22.51
CA LYS B 42 34.14 33.44 22.13
C LYS B 42 33.37 32.29 22.77
N GLU B 43 33.78 31.06 22.49
CA GLU B 43 33.09 29.89 23.04
C GLU B 43 33.26 29.76 24.54
N ARG B 44 34.24 30.47 25.08
CA ARG B 44 34.49 30.48 26.51
C ARG B 44 33.25 31.14 27.16
N ARG B 45 32.29 31.56 26.34
CA ARG B 45 31.13 32.24 26.90
C ARG B 45 29.70 31.97 26.44
N HIS B 46 28.91 33.02 26.67
CA HIS B 46 27.49 33.15 26.38
C HIS B 46 27.47 34.60 25.93
N LEU B 47 26.70 34.91 24.90
CA LEU B 47 26.66 36.28 24.42
C LEU B 47 25.31 36.48 23.76
N ARG B 48 25.10 37.68 23.23
CA ARG B 48 23.84 38.01 22.60
C ARG B 48 23.85 37.65 21.14
N LEU B 49 22.72 37.12 20.70
CA LEU B 49 22.51 36.72 19.34
C LEU B 49 22.70 37.87 18.38
N GLN B 50 22.85 37.56 17.12
CA GLN B 50 23.07 38.58 16.13
C GLN B 50 22.73 37.94 14.82
N PRO B 51 21.43 37.83 14.54
CA PRO B 51 20.89 37.24 13.33
C PRO B 51 21.78 37.68 12.24
N GLY B 52 21.97 36.87 11.20
CA GLY B 52 22.86 37.26 10.12
C GLY B 52 22.23 38.17 9.09
N SER B 53 22.99 38.47 8.04
CA SER B 53 22.46 39.31 6.97
C SER B 53 21.06 38.79 6.51
N LEU B 54 21.01 37.71 5.72
CA LEU B 54 19.74 37.19 5.21
C LEU B 54 18.69 36.85 6.24
N TYR B 55 19.09 36.54 7.46
CA TYR B 55 18.06 36.19 8.41
C TYR B 55 17.28 37.42 8.83
N LEU B 56 17.97 38.56 8.95
CA LEU B 56 17.32 39.81 9.36
C LEU B 56 16.56 40.49 8.22
N THR B 57 16.88 40.09 7.00
CA THR B 57 16.24 40.60 5.80
C THR B 57 14.89 39.89 5.71
N LYS B 58 14.93 38.64 5.31
CA LYS B 58 13.74 37.84 5.19
C LYS B 58 12.85 38.01 6.41
N SER B 59 13.46 38.12 7.58
CA SER B 59 12.77 38.24 8.86
C SER B 59 11.75 39.36 8.96
N SER B 60 11.80 40.28 8.01
CA SER B 60 10.89 41.40 8.01
C SER B 60 9.82 41.35 6.93
N THR B 61 9.41 42.55 6.52
CA THR B 61 8.39 42.77 5.52
C THR B 61 8.97 42.72 4.12
N LEU B 62 9.76 43.74 3.80
CA LEU B 62 10.41 43.90 2.51
C LEU B 62 10.11 42.81 1.43
N PRO B 63 8.88 42.81 0.86
CA PRO B 63 8.44 41.87 -0.15
C PRO B 63 9.45 40.88 -0.74
N ARG B 64 9.08 39.61 -0.63
CA ARG B 64 9.89 38.48 -1.10
C ARG B 64 9.73 38.26 -2.59
N ILE B 65 10.21 37.14 -3.11
CA ILE B 65 10.10 36.93 -4.54
C ILE B 65 10.10 35.48 -5.00
N SER B 66 8.91 34.89 -5.14
CA SER B 66 8.74 33.50 -5.58
C SER B 66 9.87 33.08 -6.50
N LEU B 67 10.64 32.08 -6.07
CA LEU B 67 11.75 31.56 -6.85
C LEU B 67 11.29 31.41 -8.29
N GLN B 68 9.98 31.38 -8.46
CA GLN B 68 9.37 31.26 -9.77
C GLN B 68 9.49 32.62 -10.41
N ALA B 69 8.55 33.51 -10.09
CA ALA B 69 8.51 34.88 -10.64
C ALA B 69 9.88 35.39 -11.08
N ALA B 70 10.89 35.13 -10.27
CA ALA B 70 12.25 35.56 -10.57
C ALA B 70 12.80 34.90 -11.83
N VAL B 71 11.92 34.28 -12.62
CA VAL B 71 12.35 33.63 -13.85
C VAL B 71 11.24 33.56 -14.90
N GLY B 72 10.31 34.52 -14.84
CA GLY B 72 9.22 34.55 -15.80
C GLY B 72 8.36 33.29 -15.85
N ASP B 73 8.82 32.23 -15.18
CA ASP B 73 8.12 30.94 -15.09
C ASP B 73 8.46 29.97 -16.21
N ARG B 74 9.49 29.13 -16.05
CA ARG B 74 9.80 28.17 -17.12
C ARG B 74 11.00 27.26 -17.01
N ALA B 75 11.53 27.05 -15.81
CA ALA B 75 12.70 26.17 -15.70
C ALA B 75 13.78 26.74 -16.62
N PRO B 76 14.91 26.02 -16.81
CA PRO B 76 16.05 26.43 -17.66
C PRO B 76 15.81 27.32 -18.89
N SER B 77 16.88 28.00 -19.33
CA SER B 77 16.84 28.91 -20.50
C SER B 77 18.17 28.93 -21.27
N ALA B 78 18.90 27.81 -21.21
CA ALA B 78 20.18 27.66 -21.90
C ALA B 78 20.55 26.18 -21.88
N CYS B 79 21.20 25.72 -22.97
CA CYS B 79 21.59 24.31 -23.09
C CYS B 79 23.08 24.11 -23.39
N SER B 80 23.37 23.15 -24.27
CA SER B 80 24.73 22.78 -24.69
C SER B 80 25.89 23.40 -23.90
N PRO B 81 26.71 24.21 -24.60
CA PRO B 81 27.85 24.92 -23.99
C PRO B 81 27.33 26.30 -23.60
N LYS B 82 26.11 26.30 -23.06
CA LYS B 82 25.42 27.51 -22.64
C LYS B 82 25.25 28.35 -23.87
N GLN B 83 24.16 29.11 -23.94
CA GLN B 83 23.95 29.98 -25.09
C GLN B 83 25.30 30.69 -25.23
N LEU B 84 26.07 30.68 -24.14
CA LEU B 84 27.39 31.27 -24.00
C LEU B 84 27.65 31.62 -22.54
N TYR B 85 28.91 31.87 -22.18
CA TYR B 85 29.21 32.22 -20.80
C TYR B 85 29.43 33.74 -20.72
N ILE B 86 28.51 34.50 -21.30
CA ILE B 86 28.58 35.98 -21.32
C ILE B 86 28.50 36.50 -19.90
N TYR B 87 27.30 36.38 -19.32
CA TYR B 87 27.04 36.83 -17.96
C TYR B 87 28.07 36.23 -17.00
N GLY B 88 28.06 34.90 -16.87
CA GLY B 88 29.01 34.23 -15.98
C GLY B 88 28.78 32.78 -15.60
N VAL B 89 29.66 31.88 -16.07
CA VAL B 89 29.57 30.47 -15.73
C VAL B 89 30.75 30.07 -14.86
N SER B 90 31.30 28.88 -15.12
CA SER B 90 32.47 28.40 -14.36
C SER B 90 32.89 26.99 -14.76
N LYS B 91 34.08 26.61 -14.31
CA LYS B 91 34.66 25.31 -14.57
C LYS B 91 34.99 24.71 -13.18
N GLU B 92 35.03 23.37 -13.06
CA GLU B 92 35.31 22.72 -11.77
C GLU B 92 34.19 23.11 -10.80
N CYS B 93 33.15 23.74 -11.35
CA CYS B 93 31.96 24.19 -10.63
C CYS B 93 30.73 23.56 -11.28
N ILE B 94 30.71 23.53 -12.61
CA ILE B 94 29.63 22.92 -13.35
C ILE B 94 29.94 21.42 -13.44
N ASN B 95 31.23 21.08 -13.45
CA ASN B 95 31.71 19.68 -13.54
C ASN B 95 31.66 19.13 -12.10
N VAL B 96 30.61 19.53 -11.35
CA VAL B 96 30.37 19.15 -9.94
C VAL B 96 29.03 18.44 -9.67
N ASN B 97 28.96 17.68 -8.58
CA ASN B 97 27.73 16.93 -8.25
C ASN B 97 27.20 16.99 -6.79
N SER B 98 25.95 16.59 -6.62
CA SER B 98 25.27 16.57 -5.33
C SER B 98 25.91 15.53 -4.42
N LYS B 99 27.10 15.07 -4.77
CA LYS B 99 27.78 14.07 -3.95
C LYS B 99 29.24 14.42 -3.71
N ASN B 100 29.66 15.57 -4.24
CA ASN B 100 31.04 16.04 -4.10
C ASN B 100 31.16 17.51 -3.64
N ALA B 101 30.02 18.19 -3.55
CA ALA B 101 29.99 19.59 -3.11
C ALA B 101 30.42 19.72 -1.68
N GLU B 102 30.41 18.60 -0.95
CA GLU B 102 30.83 18.60 0.44
C GLU B 102 32.33 18.84 0.46
N TYR B 103 32.90 19.04 -0.74
CA TYR B 103 34.35 19.24 -0.92
C TYR B 103 34.80 20.43 -1.78
N PHE B 104 33.97 20.86 -2.74
CA PHE B 104 34.29 21.98 -3.65
C PHE B 104 35.73 22.50 -3.59
N GLN B 105 35.99 23.41 -2.65
CA GLN B 105 37.30 24.07 -2.43
C GLN B 105 37.36 25.35 -3.27
N PHE B 106 37.27 26.50 -2.60
CA PHE B 106 37.33 27.79 -3.29
C PHE B 106 38.77 28.23 -3.50
N ASP B 107 39.22 28.28 -4.76
CA ASP B 107 40.59 28.71 -5.05
C ASP B 107 40.71 30.17 -4.65
N ILE B 108 40.82 30.41 -3.35
CA ILE B 108 40.92 31.73 -2.78
C ILE B 108 41.42 32.77 -3.78
N GLN B 109 42.34 32.33 -4.63
CA GLN B 109 42.97 33.17 -5.64
C GLN B 109 42.06 33.72 -6.76
N ASP B 110 41.08 32.94 -7.20
CA ASP B 110 40.18 33.35 -8.28
C ASP B 110 38.90 34.13 -7.94
N HIS B 111 38.63 34.40 -6.68
CA HIS B 111 37.41 35.14 -6.37
C HIS B 111 37.62 36.54 -5.81
N PHE B 112 38.82 36.82 -5.33
CA PHE B 112 39.15 38.14 -4.82
C PHE B 112 40.18 38.77 -5.74
N GLY B 113 40.78 37.95 -6.60
CA GLY B 113 41.78 38.40 -7.54
C GLY B 113 43.21 38.39 -7.01
N LYS B 114 43.80 39.59 -6.93
CA LYS B 114 45.15 39.80 -6.42
C LYS B 114 45.19 41.16 -5.73
N GLU B 115 44.09 41.90 -5.84
CA GLU B 115 43.92 43.21 -5.23
C GLU B 115 43.64 43.09 -3.74
N ASP B 116 42.87 42.07 -3.38
CA ASP B 116 42.53 41.80 -1.99
C ASP B 116 43.53 40.76 -1.45
N LEU B 117 44.33 40.18 -2.34
CA LEU B 117 45.34 39.18 -1.98
C LEU B 117 46.62 39.83 -1.44
N CYS B 118 46.65 41.15 -1.45
CA CYS B 118 47.79 41.90 -0.92
C CYS B 118 47.65 41.77 0.60
N ALA B 119 46.48 41.27 1.00
CA ALA B 119 46.13 41.06 2.40
C ALA B 119 46.43 39.61 2.81
N GLY B 120 47.50 39.44 3.59
CA GLY B 120 47.91 38.13 4.05
C GLY B 120 47.38 37.82 5.44
N LYS B 121 46.43 38.64 5.89
CA LYS B 121 45.80 38.49 7.20
C LYS B 121 44.42 37.85 7.01
N GLY B 122 44.19 37.28 5.83
CA GLY B 122 42.92 36.63 5.53
C GLY B 122 41.83 37.55 4.99
N PHE B 123 40.85 37.01 4.27
CA PHE B 123 39.79 37.86 3.73
C PHE B 123 38.66 38.01 4.73
N GLN B 124 38.39 39.25 5.16
CA GLN B 124 37.31 39.55 6.11
C GLN B 124 36.00 39.37 5.34
N LEU B 125 34.98 38.82 5.99
CA LEU B 125 33.76 38.57 5.24
C LEU B 125 32.41 39.03 5.79
N ALA B 126 31.49 39.16 4.85
CA ALA B 126 30.14 39.58 5.10
C ALA B 126 29.55 38.90 6.31
N ASP B 127 29.09 39.73 7.25
CA ASP B 127 28.43 39.31 8.50
C ASP B 127 29.33 39.45 9.70
N GLY B 128 30.61 39.64 9.40
CA GLY B 128 31.61 39.73 10.44
C GLY B 128 32.14 38.32 10.42
N GLY B 129 33.45 38.15 10.54
CA GLY B 129 33.99 36.79 10.52
C GLY B 129 34.93 36.49 9.38
N TRP B 130 36.16 36.15 9.76
CA TRP B 130 37.27 35.84 8.85
C TRP B 130 37.41 34.47 8.18
N LEU B 131 37.39 34.44 6.85
CA LEU B 131 37.58 33.18 6.12
C LEU B 131 39.01 33.23 5.62
N ILE B 132 39.88 32.49 6.29
CA ILE B 132 41.28 32.46 5.97
C ILE B 132 41.66 31.37 5.01
N PRO B 133 42.16 31.73 3.83
CA PRO B 133 42.56 30.73 2.84
C PRO B 133 43.46 29.73 3.50
N SER B 134 43.62 28.57 2.88
CA SER B 134 44.49 27.53 3.43
C SER B 134 45.84 27.66 2.75
N ASN B 135 46.90 27.21 3.42
CA ASN B 135 48.25 27.28 2.85
C ASN B 135 48.19 26.92 1.37
N ASP B 136 47.59 25.75 1.11
CA ASP B 136 47.43 25.15 -0.22
C ASP B 136 46.68 25.98 -1.27
N GLY B 137 46.31 27.22 -0.91
CA GLY B 137 45.60 28.10 -1.82
C GLY B 137 44.11 27.81 -1.92
N LYS B 138 43.62 26.98 -1.01
CA LYS B 138 42.21 26.59 -1.00
C LYS B 138 41.37 27.36 0.02
N ALA B 139 40.07 27.06 0.01
CA ALA B 139 39.04 27.62 0.90
C ALA B 139 37.90 26.58 1.01
N GLY B 140 38.20 25.47 1.66
CA GLY B 140 37.23 24.40 1.79
C GLY B 140 36.38 24.39 3.05
N LYS B 141 35.81 23.23 3.33
CA LYS B 141 34.95 23.05 4.48
C LYS B 141 35.49 23.71 5.74
N GLU B 142 36.57 23.16 6.29
CA GLU B 142 37.15 23.70 7.52
C GLU B 142 37.26 25.22 7.54
N GLU B 143 37.75 25.78 6.43
CA GLU B 143 37.92 27.23 6.30
C GLU B 143 36.63 27.92 6.75
N PHE B 144 35.52 27.50 6.14
CA PHE B 144 34.24 28.06 6.45
C PHE B 144 33.82 27.77 7.88
N TYR B 145 34.09 26.54 8.35
CA TYR B 145 33.77 26.17 9.73
C TYR B 145 34.56 27.11 10.62
N ARG B 146 35.80 27.38 10.23
CA ARG B 146 36.64 28.29 10.99
C ARG B 146 35.95 29.66 11.09
N ALA B 147 35.68 30.24 9.93
CA ALA B 147 35.03 31.55 9.82
C ALA B 147 33.72 31.58 10.57
N LEU B 148 32.82 30.68 10.20
CA LEU B 148 31.54 30.61 10.85
C LEU B 148 31.63 30.59 12.37
N CYS B 149 32.84 30.51 12.90
CA CYS B 149 33.05 30.48 14.35
C CYS B 149 33.62 31.81 14.75
N ASP B 150 34.27 32.46 13.80
CA ASP B 150 34.85 33.78 13.97
C ASP B 150 33.65 34.75 13.79
N THR B 151 32.59 34.25 13.14
CA THR B 151 31.37 35.02 12.90
C THR B 151 30.64 35.46 14.15
N PRO B 152 30.43 36.78 14.28
CA PRO B 152 29.74 37.40 15.41
C PRO B 152 28.32 36.93 15.57
N GLY B 153 27.93 36.65 16.80
CA GLY B 153 26.59 36.19 17.08
C GLY B 153 26.48 34.68 16.98
N VAL B 154 27.62 34.03 16.80
CA VAL B 154 27.70 32.57 16.68
C VAL B 154 28.49 31.98 17.84
N ASP B 155 27.99 30.89 18.41
CA ASP B 155 28.67 30.22 19.50
C ASP B 155 29.23 28.93 18.93
N PRO B 156 30.56 28.83 18.79
CA PRO B 156 31.16 27.62 18.23
C PRO B 156 30.94 26.29 18.98
N LYS B 157 30.33 26.36 20.16
CA LYS B 157 30.05 25.15 20.91
C LYS B 157 28.87 24.48 20.23
N LEU B 158 27.94 25.27 19.73
CA LEU B 158 26.72 24.76 19.12
C LEU B 158 26.80 24.31 17.66
N ILE B 159 27.93 24.56 17.03
CA ILE B 159 28.11 24.08 15.68
C ILE B 159 29.32 23.16 15.81
N SER B 160 29.70 22.54 14.70
CA SER B 160 30.83 21.62 14.68
C SER B 160 31.08 21.20 13.24
N SER B 161 32.32 20.84 12.97
CA SER B 161 32.72 20.46 11.64
C SER B 161 31.79 19.53 10.85
N ILE B 162 31.22 18.53 11.49
CA ILE B 162 30.35 17.67 10.71
C ILE B 162 29.08 18.42 10.38
N TRP B 163 28.75 19.39 11.23
CA TRP B 163 27.55 20.19 11.02
C TRP B 163 27.73 21.06 9.80
N VAL B 164 28.80 21.87 9.78
CA VAL B 164 29.06 22.74 8.63
C VAL B 164 29.23 21.96 7.34
N ALA B 165 29.92 20.83 7.47
CA ALA B 165 30.16 19.91 6.36
C ALA B 165 28.87 19.77 5.60
N ASN B 166 27.95 19.05 6.22
CA ASN B 166 26.64 18.81 5.69
C ASN B 166 26.15 20.03 4.95
N HIS B 167 25.97 21.08 5.70
CA HIS B 167 25.42 22.26 5.11
C HIS B 167 26.24 22.89 4.03
N TYR B 168 27.56 22.74 4.09
CA TYR B 168 28.42 23.32 3.06
C TYR B 168 28.15 22.59 1.75
N ARG B 169 27.59 21.39 1.87
CA ARG B 169 27.26 20.56 0.73
C ARG B 169 26.05 21.07 -0.03
N TRP B 170 24.91 21.10 0.66
CA TRP B 170 23.66 21.54 0.07
C TRP B 170 23.59 23.01 -0.27
N ILE B 171 24.24 23.83 0.56
CA ILE B 171 24.23 25.27 0.35
C ILE B 171 25.05 25.59 -0.90
N VAL B 172 25.75 24.58 -1.40
CA VAL B 172 26.55 24.72 -2.59
C VAL B 172 25.73 24.24 -3.78
N TRP B 173 25.55 22.92 -3.86
CA TRP B 173 24.77 22.32 -4.92
C TRP B 173 23.59 23.23 -5.28
N LYS B 174 22.99 23.88 -4.29
CA LYS B 174 21.86 24.75 -4.57
C LYS B 174 22.32 25.90 -5.45
N LEU B 175 23.29 26.63 -4.93
CA LEU B 175 23.85 27.76 -5.64
C LEU B 175 24.32 27.24 -6.99
N ALA B 176 25.32 26.37 -6.99
CA ALA B 176 25.82 25.79 -8.24
C ALA B 176 24.60 25.66 -9.16
N ALA B 177 23.75 24.68 -8.88
CA ALA B 177 22.57 24.45 -9.66
C ALA B 177 21.86 25.73 -10.06
N MET B 178 21.84 26.73 -9.19
CA MET B 178 21.18 27.98 -9.57
C MET B 178 21.97 28.65 -10.70
N GLU B 179 23.04 27.98 -11.11
CA GLU B 179 23.90 28.46 -12.19
C GLU B 179 23.53 27.88 -13.55
N PHE B 180 23.93 26.64 -13.81
CA PHE B 180 23.57 26.07 -15.10
C PHE B 180 22.08 25.87 -15.09
N ALA B 181 21.35 26.98 -15.19
CA ALA B 181 19.90 26.92 -15.19
C ALA B 181 19.27 28.24 -15.58
N PHE B 182 19.62 29.33 -14.88
CA PHE B 182 19.06 30.65 -15.21
C PHE B 182 20.18 31.68 -15.38
N PRO B 183 21.29 31.27 -16.02
CA PRO B 183 22.44 32.15 -16.23
C PRO B 183 22.05 33.60 -16.38
N LYS B 184 20.92 33.86 -17.02
CA LYS B 184 20.48 35.24 -17.23
C LYS B 184 20.08 36.02 -15.96
N GLU B 185 19.71 35.30 -14.89
CA GLU B 185 19.32 35.99 -13.65
C GLU B 185 20.20 35.66 -12.44
N PHE B 186 21.05 34.65 -12.60
CA PHE B 186 21.98 34.24 -11.56
C PHE B 186 23.33 34.07 -12.21
N ALA B 187 24.12 35.14 -12.15
CA ALA B 187 25.45 35.13 -12.73
C ALA B 187 26.29 34.15 -11.93
N ASN B 188 27.32 34.67 -11.27
CA ASN B 188 28.17 33.89 -10.41
C ASN B 188 27.98 34.59 -9.08
N ARG B 189 27.08 35.57 -9.12
CA ARG B 189 26.68 36.37 -7.98
C ARG B 189 25.96 35.39 -7.04
N CYS B 190 26.13 34.11 -7.37
CA CYS B 190 25.55 32.99 -6.66
C CYS B 190 26.56 32.22 -5.86
N LEU B 191 27.55 31.64 -6.54
CA LEU B 191 28.57 30.83 -5.88
C LEU B 191 29.78 31.51 -5.20
N ASN B 192 29.67 32.80 -4.88
CA ASN B 192 30.77 33.50 -4.20
C ASN B 192 30.85 33.04 -2.74
N PRO B 193 32.06 32.94 -2.19
CA PRO B 193 32.21 32.50 -0.81
C PRO B 193 31.57 33.43 0.21
N GLU B 194 30.72 34.34 -0.25
CA GLU B 194 30.08 35.27 0.67
C GLU B 194 28.59 35.04 0.80
N ARG B 195 28.08 34.09 0.04
CA ARG B 195 26.68 33.74 0.11
C ARG B 195 26.70 32.36 0.76
N VAL B 196 27.88 31.76 0.81
CA VAL B 196 28.03 30.48 1.47
C VAL B 196 28.11 30.85 2.95
N LEU B 197 29.12 31.63 3.33
CA LEU B 197 29.21 32.01 4.73
C LEU B 197 28.05 32.91 5.10
N LEU B 198 27.22 33.20 4.13
CA LEU B 198 26.11 34.07 4.39
C LEU B 198 24.90 33.27 4.74
N GLN B 199 24.91 32.06 4.25
CA GLN B 199 23.84 31.09 4.42
C GLN B 199 24.09 30.19 5.59
N LEU B 200 25.35 29.77 5.69
CA LEU B 200 25.75 28.91 6.78
C LEU B 200 25.36 29.63 8.05
N LYS B 201 25.43 30.96 8.00
CA LYS B 201 25.07 31.75 9.16
C LYS B 201 23.61 31.71 9.18
N TYR B 202 23.01 31.73 7.99
CA TYR B 202 21.55 31.73 7.91
C TYR B 202 21.00 30.51 8.60
N ARG B 203 21.50 29.34 8.24
CA ARG B 203 21.05 28.08 8.86
C ARG B 203 21.25 28.03 10.40
N TYR B 204 22.37 28.57 10.86
CA TYR B 204 22.69 28.62 12.27
C TYR B 204 21.66 29.48 12.94
N ASP B 205 20.99 30.34 12.18
CA ASP B 205 19.95 31.19 12.75
C ASP B 205 18.63 30.43 12.71
N VAL B 206 18.32 29.88 11.56
CA VAL B 206 17.11 29.15 11.43
C VAL B 206 17.06 27.97 12.38
N GLU B 207 18.16 27.24 12.52
CA GLU B 207 18.18 26.03 13.34
C GLU B 207 18.82 26.04 14.75
N ILE B 208 19.91 26.78 14.97
CA ILE B 208 20.49 26.80 16.30
C ILE B 208 19.97 27.97 17.16
N ASP B 209 19.45 29.02 16.53
CA ASP B 209 18.93 30.19 17.28
C ASP B 209 17.43 30.15 17.54
N ASN B 210 16.63 30.37 16.50
CA ASN B 210 15.19 30.36 16.64
C ASN B 210 14.75 28.90 16.62
N SER B 211 15.74 28.05 16.91
CA SER B 211 15.59 26.61 16.95
C SER B 211 14.35 26.10 16.26
N ARG B 212 14.41 26.22 14.93
CA ARG B 212 13.41 25.76 13.95
C ARG B 212 14.09 24.57 13.28
N ARG B 213 13.44 23.41 13.29
CA ARG B 213 14.00 22.15 12.73
C ARG B 213 13.51 21.67 11.37
N SER B 214 14.44 21.31 10.50
CA SER B 214 14.04 20.82 9.18
C SER B 214 13.02 19.72 9.28
N ALA B 215 12.54 19.27 8.12
CA ALA B 215 11.53 18.22 8.07
C ALA B 215 12.08 16.88 8.49
N LEU B 216 13.27 16.53 8.03
CA LEU B 216 13.83 15.25 8.36
C LEU B 216 14.49 15.23 9.72
N LYS B 217 14.84 16.40 10.23
CA LYS B 217 15.47 16.51 11.54
C LYS B 217 14.37 16.28 12.56
N LYS B 218 13.15 16.70 12.25
CA LYS B 218 12.02 16.50 13.16
C LYS B 218 11.86 15.00 13.21
N ILE B 219 11.46 14.46 12.08
CA ILE B 219 11.23 13.04 11.88
C ILE B 219 12.28 12.18 12.56
N LEU B 220 13.54 12.33 12.17
CA LEU B 220 14.59 11.54 12.78
C LEU B 220 14.59 11.73 14.25
N GLU B 221 14.67 12.97 14.72
CA GLU B 221 14.67 13.24 16.16
C GLU B 221 13.38 12.74 16.83
N ARG B 222 12.53 12.06 16.08
CA ARG B 222 11.28 11.52 16.61
C ARG B 222 10.29 12.54 17.18
N ASP B 223 10.05 13.64 16.45
CA ASP B 223 9.15 14.73 16.87
C ASP B 223 8.03 15.12 15.87
N ASP B 224 7.76 14.25 14.91
CA ASP B 224 6.72 14.47 13.90
C ASP B 224 6.66 13.22 13.02
N THR B 225 7.63 12.35 13.20
CA THR B 225 7.74 11.07 12.47
C THR B 225 6.74 10.90 11.31
N ALA B 226 5.45 10.96 11.64
CA ALA B 226 4.43 10.84 10.63
C ALA B 226 5.09 11.30 9.34
N ALA B 227 5.23 10.36 8.39
CA ALA B 227 5.87 10.67 7.12
C ALA B 227 4.87 11.28 6.11
N LYS B 228 3.84 11.92 6.68
CA LYS B 228 2.81 12.65 5.96
C LYS B 228 3.41 13.53 4.87
N THR B 229 2.63 13.78 3.84
CA THR B 229 3.05 14.59 2.69
C THR B 229 4.34 15.40 2.78
N LEU B 230 5.34 14.86 2.08
CA LEU B 230 6.67 15.43 1.99
C LEU B 230 7.08 15.83 0.58
N VAL B 231 8.06 16.71 0.50
CA VAL B 231 8.61 17.15 -0.75
C VAL B 231 10.10 16.96 -0.45
N LEU B 232 10.69 15.94 -1.04
CA LEU B 232 12.09 15.66 -0.82
C LEU B 232 12.84 15.74 -2.11
N CYS B 233 14.11 15.37 -2.08
CA CYS B 233 14.92 15.39 -3.27
C CYS B 233 15.98 14.30 -3.29
N ILE B 234 16.06 13.62 -4.44
CA ILE B 234 17.00 12.52 -4.68
C ILE B 234 18.43 13.00 -4.72
N SER B 235 19.30 12.26 -4.03
CA SER B 235 20.72 12.53 -4.00
C SER B 235 21.45 11.25 -4.47
N ASP B 236 22.31 10.67 -3.66
CA ASP B 236 23.02 9.44 -4.06
C ASP B 236 22.13 8.22 -4.37
N ILE B 237 22.61 7.38 -5.29
CA ILE B 237 21.89 6.16 -5.69
C ILE B 237 22.75 4.91 -5.41
N VAL B 260 23.47 0.39 -6.72
CA VAL B 260 22.13 1.00 -6.86
C VAL B 260 21.03 0.15 -6.21
N ASP B 261 21.11 -0.04 -4.89
CA ASP B 261 20.11 -0.83 -4.18
C ASP B 261 19.00 0.09 -3.66
N THR B 262 19.42 1.26 -3.18
CA THR B 262 18.51 2.27 -2.64
C THR B 262 19.09 3.63 -2.99
N ILE B 263 18.27 4.67 -2.85
CA ILE B 263 18.74 6.03 -3.13
C ILE B 263 18.76 6.77 -1.79
N GLU B 264 19.04 8.06 -1.86
CA GLU B 264 19.10 8.90 -0.67
C GLU B 264 18.36 10.18 -1.03
N LEU B 265 17.40 10.58 -0.20
CA LEU B 265 16.65 11.79 -0.46
C LEU B 265 17.06 12.84 0.54
N THR B 266 16.69 14.09 0.27
CA THR B 266 16.99 15.21 1.16
C THR B 266 15.86 16.24 1.22
N ASP B 267 15.79 16.98 2.33
CA ASP B 267 14.79 18.02 2.47
C ASP B 267 15.53 19.30 2.20
N GLY B 268 16.82 19.14 1.88
CA GLY B 268 17.66 20.27 1.57
C GLY B 268 18.56 20.56 2.73
N TRP B 269 18.18 20.07 3.91
CA TRP B 269 18.94 20.31 5.13
C TRP B 269 19.68 19.08 5.61
N TYR B 270 18.97 17.96 5.70
CA TYR B 270 19.62 16.74 6.08
C TYR B 270 19.16 15.74 5.05
N ALA B 271 19.74 14.55 5.04
CA ALA B 271 19.34 13.56 4.04
C ALA B 271 19.35 12.16 4.59
N VAL B 272 18.36 11.38 4.18
CA VAL B 272 18.29 10.00 4.65
C VAL B 272 18.15 9.04 3.49
N ARG B 273 18.54 7.78 3.71
CA ARG B 273 18.45 6.78 2.67
C ARG B 273 17.09 6.06 2.67
N ALA B 274 16.32 6.38 1.64
CA ALA B 274 14.99 5.83 1.44
C ALA B 274 15.01 4.36 1.08
N GLN B 275 13.83 3.82 0.81
CA GLN B 275 13.66 2.43 0.40
C GLN B 275 12.49 2.37 -0.55
N LEU B 276 12.85 2.29 -1.83
CA LEU B 276 11.89 2.23 -2.90
C LEU B 276 11.34 0.83 -2.97
N ASP B 277 10.16 0.70 -3.55
CA ASP B 277 9.54 -0.60 -3.72
C ASP B 277 9.86 -1.02 -5.15
N PRO B 278 9.63 -2.29 -5.48
CA PRO B 278 9.94 -2.72 -6.84
C PRO B 278 9.67 -1.74 -8.00
N PRO B 279 8.44 -1.20 -8.11
CA PRO B 279 8.08 -0.27 -9.20
C PRO B 279 8.91 1.01 -9.29
N LEU B 280 9.55 1.37 -8.18
CA LEU B 280 10.41 2.54 -8.13
C LEU B 280 11.75 2.03 -8.56
N MET B 281 12.13 0.88 -8.00
CA MET B 281 13.39 0.21 -8.32
C MET B 281 13.53 0.23 -9.83
N ALA B 282 12.39 0.18 -10.52
CA ALA B 282 12.36 0.19 -11.97
C ALA B 282 12.47 1.60 -12.55
N LEU B 283 11.83 2.56 -11.90
CA LEU B 283 11.85 3.94 -12.38
C LEU B 283 13.15 4.71 -12.16
N VAL B 284 14.11 4.06 -11.54
CA VAL B 284 15.41 4.68 -11.32
C VAL B 284 16.37 3.95 -12.26
N LYS B 285 16.17 2.62 -12.37
CA LYS B 285 16.98 1.75 -13.23
C LYS B 285 16.68 2.12 -14.69
N SER B 286 15.54 2.77 -14.91
CA SER B 286 15.13 3.21 -16.25
C SER B 286 15.58 4.66 -16.42
N GLY B 287 15.65 5.38 -15.30
CA GLY B 287 16.09 6.76 -15.33
C GLY B 287 15.01 7.83 -15.32
N LYS B 288 14.15 7.80 -14.31
CA LYS B 288 13.11 8.81 -14.19
C LYS B 288 13.48 9.64 -12.97
N LEU B 289 13.79 8.94 -11.88
CA LEU B 289 14.20 9.59 -10.66
C LEU B 289 15.64 10.00 -10.89
N THR B 290 15.80 11.20 -11.44
CA THR B 290 17.11 11.74 -11.75
C THR B 290 17.73 12.51 -10.59
N VAL B 291 18.64 11.86 -9.88
CA VAL B 291 19.31 12.49 -8.74
C VAL B 291 19.25 13.96 -8.94
N GLY B 292 18.50 14.64 -8.09
CA GLY B 292 18.41 16.08 -8.23
C GLY B 292 17.01 16.48 -8.66
N GLN B 293 16.04 15.66 -8.30
CA GLN B 293 14.68 15.99 -8.63
C GLN B 293 13.78 15.92 -7.41
N LYS B 294 12.67 16.65 -7.48
CA LYS B 294 11.70 16.71 -6.40
C LYS B 294 10.49 15.78 -6.59
N ILE B 295 10.16 15.03 -5.54
CA ILE B 295 9.02 14.12 -5.55
C ILE B 295 8.08 14.55 -4.42
N ILE B 296 7.09 13.73 -4.10
CA ILE B 296 6.12 14.06 -3.05
C ILE B 296 5.50 12.82 -2.43
N THR B 297 6.16 12.17 -1.48
CA THR B 297 5.55 10.98 -0.89
C THR B 297 4.48 11.24 0.13
N GLN B 298 3.81 10.17 0.51
CA GLN B 298 2.78 10.27 1.51
C GLN B 298 3.10 9.40 2.69
N GLY B 299 2.27 8.41 2.96
CA GLY B 299 2.51 7.57 4.10
C GLY B 299 3.90 6.95 4.31
N ALA B 300 4.96 7.50 3.72
CA ALA B 300 6.29 6.95 3.90
C ALA B 300 6.47 6.45 5.34
N GLU B 301 7.59 5.78 5.62
CA GLU B 301 7.77 5.28 6.97
C GLU B 301 9.17 4.83 7.27
N LEU B 302 9.41 4.62 8.56
CA LEU B 302 10.72 4.20 9.01
C LEU B 302 10.93 2.76 9.47
N VAL B 303 12.12 2.29 9.17
CA VAL B 303 12.57 0.96 9.51
C VAL B 303 13.97 1.16 10.10
N GLY B 304 14.30 0.37 11.13
CA GLY B 304 15.60 0.47 11.78
C GLY B 304 15.70 1.77 12.55
N SER B 305 14.54 2.27 12.95
CA SER B 305 14.41 3.54 13.67
C SER B 305 14.05 3.41 15.14
N PRO B 306 15.04 3.24 16.01
CA PRO B 306 14.63 3.14 17.41
C PRO B 306 14.00 4.48 17.77
N ASP B 307 14.83 5.41 18.22
CA ASP B 307 14.34 6.72 18.61
C ASP B 307 15.11 7.87 17.97
N ALA B 308 15.09 8.99 18.69
CA ALA B 308 15.72 10.24 18.28
C ALA B 308 16.96 10.11 17.41
N CYS B 309 17.97 10.92 17.77
CA CYS B 309 19.27 11.03 17.12
C CYS B 309 19.25 12.24 16.20
N ALA B 310 20.40 12.88 16.06
CA ALA B 310 20.51 14.04 15.20
C ALA B 310 20.88 13.51 13.84
N PRO B 311 20.06 13.77 12.82
CA PRO B 311 20.28 13.34 11.44
C PRO B 311 21.74 13.24 11.00
N LEU B 312 22.64 13.78 11.80
CA LEU B 312 24.06 13.73 11.51
C LEU B 312 24.70 12.44 12.02
N GLU B 313 24.17 11.97 13.15
CA GLU B 313 24.60 10.73 13.78
C GLU B 313 23.58 9.68 13.30
N ALA B 314 23.17 9.82 12.05
CA ALA B 314 22.20 8.94 11.40
C ALA B 314 22.73 7.54 11.20
N PRO B 315 22.15 6.55 11.91
CA PRO B 315 22.57 5.14 11.83
C PRO B 315 22.64 4.74 10.37
N ASP B 316 23.79 4.25 9.92
CA ASP B 316 23.92 3.85 8.52
C ASP B 316 23.13 2.57 8.16
N SER B 317 22.09 2.32 8.96
CA SER B 317 21.19 1.19 8.74
C SER B 317 19.81 1.77 8.42
N LEU B 318 19.21 2.47 9.39
CA LEU B 318 17.91 3.12 9.27
C LEU B 318 17.65 3.56 7.83
N ARG B 319 16.41 3.44 7.39
CA ARG B 319 16.02 3.86 6.05
C ARG B 319 14.56 4.27 6.04
N LEU B 320 14.16 5.00 5.01
CA LEU B 320 12.78 5.43 4.92
C LEU B 320 12.13 4.59 3.83
N LYS B 321 10.80 4.53 3.78
CA LYS B 321 10.16 3.70 2.77
C LYS B 321 9.18 4.41 1.85
N ILE B 322 9.64 4.89 0.72
CA ILE B 322 8.72 5.54 -0.22
C ILE B 322 7.91 4.40 -0.85
N SER B 323 6.72 4.72 -1.35
CA SER B 323 5.87 3.72 -1.98
C SER B 323 5.17 4.26 -3.21
N ALA B 324 5.71 3.89 -4.36
CA ALA B 324 5.21 4.27 -5.68
C ALA B 324 3.84 4.88 -5.81
N ASN B 325 2.79 4.11 -5.48
CA ASN B 325 1.42 4.59 -5.57
C ASN B 325 1.20 5.86 -4.73
N SER B 326 2.08 6.06 -3.77
CA SER B 326 2.01 7.24 -2.92
C SER B 326 3.27 8.09 -3.10
N THR B 327 3.54 8.42 -4.36
CA THR B 327 4.68 9.23 -4.78
C THR B 327 4.48 9.66 -6.23
N ARG B 328 4.52 10.96 -6.48
CA ARG B 328 4.34 11.47 -7.83
C ARG B 328 5.16 12.73 -8.00
N PRO B 329 6.23 12.67 -8.81
CA PRO B 329 7.11 13.82 -9.06
C PRO B 329 6.50 15.18 -8.78
N ALA B 330 7.31 16.11 -8.26
CA ALA B 330 6.87 17.47 -7.95
C ALA B 330 7.66 18.50 -8.76
N ARG B 331 6.98 19.58 -9.15
CA ARG B 331 7.57 20.66 -9.96
C ARG B 331 9.05 21.03 -9.69
N TRP B 332 9.71 21.66 -10.67
CA TRP B 332 11.13 22.07 -10.57
C TRP B 332 11.37 22.85 -9.30
N HIS B 333 10.37 23.67 -8.96
CA HIS B 333 10.38 24.51 -7.77
C HIS B 333 9.35 23.86 -6.87
N SER B 334 9.40 24.16 -5.59
CA SER B 334 8.43 23.60 -4.67
C SER B 334 8.77 24.07 -3.30
N ARG B 335 9.30 23.15 -2.54
CA ARG B 335 9.68 23.45 -1.19
C ARG B 335 10.00 22.19 -0.48
N LEU B 336 11.28 21.85 -0.47
CA LEU B 336 11.69 20.65 0.20
C LEU B 336 11.10 20.79 1.60
N GLY B 337 10.74 19.67 2.21
CA GLY B 337 10.16 19.68 3.55
C GLY B 337 8.71 19.27 3.58
N PHE B 338 8.06 19.49 4.71
CA PHE B 338 6.67 19.16 4.84
C PHE B 338 5.92 20.13 3.95
N PHE B 339 4.75 19.70 3.46
CA PHE B 339 3.91 20.48 2.54
C PHE B 339 2.62 21.00 3.20
N ARG B 340 2.10 22.14 2.73
CA ARG B 340 0.88 22.76 3.30
C ARG B 340 -0.32 21.83 3.51
N ASP B 341 -1.07 21.52 2.45
CA ASP B 341 -2.23 20.64 2.58
C ASP B 341 -1.77 19.32 3.21
N PRO B 342 -2.04 19.14 4.52
CA PRO B 342 -1.67 17.95 5.29
C PRO B 342 -2.55 16.78 4.84
N ARG B 343 -3.65 17.13 4.21
CA ARG B 343 -4.62 16.17 3.71
C ARG B 343 -3.94 15.41 2.56
N PRO B 344 -3.96 14.07 2.62
CA PRO B 344 -3.32 13.34 1.53
C PRO B 344 -3.92 13.65 0.17
N PHE B 345 -3.07 13.56 -0.86
CA PHE B 345 -3.51 13.84 -2.20
C PHE B 345 -4.06 12.60 -2.85
N PRO B 346 -5.10 12.74 -3.69
CA PRO B 346 -5.74 11.63 -4.39
C PRO B 346 -4.91 11.10 -5.54
N LEU B 347 -5.60 10.90 -6.66
CA LEU B 347 -5.06 10.43 -7.94
C LEU B 347 -5.89 9.25 -8.52
N PRO B 348 -5.66 8.89 -9.81
CA PRO B 348 -6.30 7.84 -10.62
C PRO B 348 -5.84 6.38 -10.47
N LEU B 349 -6.82 5.48 -10.48
CA LEU B 349 -6.51 4.08 -10.34
C LEU B 349 -5.71 3.79 -11.58
N SER B 350 -6.17 4.39 -12.66
CA SER B 350 -5.51 4.21 -13.93
C SER B 350 -3.99 4.28 -13.78
N SER B 351 -3.53 5.05 -12.80
CA SER B 351 -2.09 5.22 -12.60
C SER B 351 -1.43 4.33 -11.55
N LEU B 352 -2.24 3.63 -10.78
CA LEU B 352 -1.70 2.77 -9.72
C LEU B 352 -0.92 1.61 -10.31
N PHE B 353 0.04 1.12 -9.56
CA PHE B 353 0.84 0.00 -9.99
C PHE B 353 0.47 -1.17 -9.14
N SER B 354 1.41 -2.05 -8.83
CA SER B 354 1.04 -3.19 -8.01
C SER B 354 2.13 -3.86 -7.23
N ASP B 355 3.40 -3.55 -7.51
CA ASP B 355 4.50 -4.17 -6.78
C ASP B 355 4.76 -3.43 -5.46
N GLY B 356 3.92 -2.45 -5.12
CA GLY B 356 4.14 -1.73 -3.87
C GLY B 356 3.30 -0.49 -3.59
N GLY B 357 3.20 -0.19 -2.30
CA GLY B 357 2.45 0.96 -1.84
C GLY B 357 0.94 0.86 -1.74
N ASN B 358 0.38 1.60 -0.79
CA ASN B 358 -1.06 1.67 -0.61
C ASN B 358 -1.33 3.01 -1.24
N VAL B 359 -2.56 3.26 -1.62
CA VAL B 359 -2.85 4.57 -2.19
C VAL B 359 -3.20 5.37 -0.95
N GLY B 360 -2.80 6.62 -0.87
CA GLY B 360 -3.15 7.37 0.33
C GLY B 360 -4.58 7.88 0.21
N CYS B 361 -5.02 8.06 -1.02
CA CYS B 361 -6.34 8.57 -1.22
C CYS B 361 -6.69 8.32 -2.65
N VAL B 362 -7.98 8.13 -2.90
CA VAL B 362 -8.49 7.95 -4.25
C VAL B 362 -9.87 8.55 -4.31
N ASP B 363 -10.12 9.42 -5.27
CA ASP B 363 -11.42 10.02 -5.37
C ASP B 363 -12.19 9.19 -6.37
N ILE B 364 -13.14 8.40 -5.88
CA ILE B 364 -13.94 7.53 -6.74
C ILE B 364 -15.45 7.69 -6.66
N ILE B 365 -16.12 6.87 -7.46
CA ILE B 365 -17.56 6.85 -7.52
C ILE B 365 -17.93 5.39 -7.46
N VAL B 366 -18.88 5.06 -6.62
CA VAL B 366 -19.34 3.70 -6.48
C VAL B 366 -20.15 3.32 -7.72
N GLN B 367 -19.46 2.78 -8.72
CA GLN B 367 -20.14 2.33 -9.92
C GLN B 367 -21.11 1.24 -9.47
N ARG B 368 -20.59 0.05 -9.21
CA ARG B 368 -21.45 -1.04 -8.75
C ARG B 368 -21.19 -1.43 -7.32
N VAL B 369 -22.15 -2.20 -6.81
CA VAL B 369 -22.14 -2.74 -5.47
C VAL B 369 -22.80 -4.14 -5.50
N TYR B 370 -22.00 -5.13 -5.13
CA TYR B 370 -22.41 -6.54 -5.06
C TYR B 370 -22.81 -7.00 -3.64
N PRO B 371 -23.46 -8.16 -3.53
CA PRO B 371 -23.89 -8.67 -2.22
C PRO B 371 -22.74 -9.35 -1.53
N LEU B 372 -22.82 -9.41 -0.20
CA LEU B 372 -21.81 -10.00 0.67
C LEU B 372 -21.49 -11.44 0.36
N GLN B 373 -20.20 -11.77 0.45
CA GLN B 373 -19.70 -13.12 0.18
C GLN B 373 -19.11 -13.74 1.46
N TRP B 374 -19.41 -14.99 1.73
CA TRP B 374 -18.90 -15.66 2.91
C TRP B 374 -17.72 -16.62 2.58
N VAL B 375 -16.56 -16.02 2.32
CA VAL B 375 -15.34 -16.76 1.97
C VAL B 375 -14.91 -17.83 2.99
N GLU B 376 -14.19 -18.84 2.50
CA GLU B 376 -13.66 -19.93 3.34
C GLU B 376 -12.25 -20.31 2.89
N LYS B 377 -11.34 -20.37 3.86
CA LYS B 377 -9.93 -20.71 3.61
C LYS B 377 -9.77 -22.20 3.84
N THR B 378 -9.54 -22.93 2.75
CA THR B 378 -9.39 -24.38 2.82
C THR B 378 -8.12 -24.79 3.54
N VAL B 379 -8.29 -25.75 4.44
CA VAL B 379 -7.20 -26.27 5.23
C VAL B 379 -5.87 -26.31 4.49
N SER B 380 -5.89 -26.61 3.19
CA SER B 380 -4.67 -26.68 2.38
C SER B 380 -4.18 -25.30 1.87
N GLY B 381 -4.82 -24.82 0.81
CA GLY B 381 -4.51 -23.54 0.19
C GLY B 381 -5.81 -23.15 -0.49
N LEU B 382 -5.78 -22.32 -1.53
CA LEU B 382 -7.02 -21.91 -2.21
C LEU B 382 -8.07 -21.37 -1.23
N TYR B 383 -8.87 -20.41 -1.69
CA TYR B 383 -9.93 -19.80 -0.88
C TYR B 383 -11.24 -20.14 -1.60
N ILE B 384 -12.36 -20.24 -0.89
CA ILE B 384 -13.63 -20.58 -1.52
C ILE B 384 -14.69 -19.51 -1.32
N PHE B 385 -15.48 -19.18 -2.34
CA PHE B 385 -16.55 -18.15 -2.18
C PHE B 385 -17.92 -18.77 -2.17
N ARG B 386 -18.77 -18.30 -1.26
CA ARG B 386 -20.14 -18.81 -1.12
C ARG B 386 -21.14 -17.71 -0.76
N SER B 387 -22.27 -17.71 -1.44
CA SER B 387 -23.30 -16.74 -1.13
C SER B 387 -23.67 -16.89 0.35
N GLU B 388 -24.83 -16.37 0.74
CA GLU B 388 -25.26 -16.50 2.10
C GLU B 388 -25.95 -17.81 2.11
N ARG B 389 -26.89 -17.97 1.21
CA ARG B 389 -27.61 -19.22 1.19
C ARG B 389 -26.70 -20.44 1.22
N GLU B 390 -25.58 -20.35 0.51
CA GLU B 390 -24.57 -21.42 0.41
C GLU B 390 -23.69 -21.64 1.64
N GLU B 391 -23.34 -20.55 2.31
CA GLU B 391 -22.52 -20.60 3.51
C GLU B 391 -23.42 -20.73 4.73
N GLU B 392 -24.62 -21.23 4.52
CA GLU B 392 -25.55 -21.44 5.61
C GLU B 392 -26.02 -22.85 5.42
N LYS B 393 -25.88 -23.30 4.17
CA LYS B 393 -26.19 -24.66 3.75
C LYS B 393 -24.95 -25.43 4.19
N GLU B 394 -23.82 -24.96 3.70
CA GLU B 394 -22.53 -25.55 4.02
C GLU B 394 -22.30 -25.46 5.53
N ALA B 395 -22.84 -24.44 6.18
CA ALA B 395 -22.64 -24.32 7.62
C ALA B 395 -23.46 -25.32 8.40
N LEU B 396 -24.52 -25.83 7.79
CA LEU B 396 -25.31 -26.82 8.49
C LEU B 396 -24.79 -28.19 8.07
N ARG B 397 -24.45 -28.33 6.79
CA ARG B 397 -23.93 -29.59 6.25
C ARG B 397 -22.64 -30.04 6.93
N PHE B 398 -21.95 -29.11 7.57
CA PHE B 398 -20.71 -29.44 8.26
C PHE B 398 -21.02 -29.69 9.71
N ALA B 399 -21.30 -28.62 10.46
CA ALA B 399 -21.60 -28.76 11.89
C ALA B 399 -22.60 -29.86 12.18
N GLU B 400 -23.06 -30.55 11.14
CA GLU B 400 -23.99 -31.68 11.30
C GLU B 400 -23.12 -32.91 11.21
N ALA B 401 -22.57 -33.12 10.02
CA ALA B 401 -21.70 -34.26 9.77
C ALA B 401 -20.70 -34.39 10.92
N GLN B 402 -19.86 -33.39 11.03
CA GLN B 402 -18.84 -33.39 12.04
C GLN B 402 -19.31 -33.05 13.45
N GLN B 403 -20.33 -33.80 13.87
CA GLN B 403 -20.97 -33.74 15.19
C GLN B 403 -21.49 -35.16 15.37
N LYS B 404 -21.39 -35.92 14.28
CA LYS B 404 -21.74 -37.35 14.22
C LYS B 404 -20.39 -38.02 14.44
N LYS B 405 -19.37 -37.53 13.76
CA LYS B 405 -18.03 -38.05 13.93
C LYS B 405 -17.70 -37.99 15.43
N LEU B 406 -18.05 -36.87 16.08
CA LEU B 406 -17.76 -36.69 17.50
C LEU B 406 -18.45 -37.69 18.41
N GLU B 407 -19.47 -38.37 17.91
CA GLU B 407 -20.15 -39.36 18.73
C GLU B 407 -19.78 -40.74 18.22
N ALA B 408 -19.58 -40.84 16.90
CA ALA B 408 -19.21 -42.10 16.26
C ALA B 408 -17.91 -42.63 16.84
N LEU B 409 -17.13 -41.74 17.46
CA LEU B 409 -15.88 -42.15 18.09
C LEU B 409 -16.23 -42.98 19.31
N PHE B 410 -17.36 -42.66 19.93
CA PHE B 410 -17.81 -43.35 21.13
C PHE B 410 -18.88 -44.42 20.89
N THR B 411 -19.64 -44.26 19.82
CA THR B 411 -20.66 -45.26 19.50
C THR B 411 -19.86 -46.52 19.23
N LYS B 412 -18.69 -46.33 18.62
CA LYS B 412 -17.77 -47.40 18.24
C LYS B 412 -16.93 -48.03 19.37
N VAL B 413 -16.86 -47.36 20.50
CA VAL B 413 -16.11 -47.90 21.61
C VAL B 413 -17.10 -48.41 22.65
N HIS B 414 -18.38 -48.17 22.39
CA HIS B 414 -19.43 -48.64 23.28
C HIS B 414 -19.62 -50.10 22.91
N THR B 415 -19.54 -50.40 21.62
CA THR B 415 -19.67 -51.77 21.15
C THR B 415 -18.30 -52.45 21.32
N GLU B 416 -17.98 -52.71 22.57
CA GLU B 416 -16.74 -53.36 22.97
C GLU B 416 -16.89 -53.69 24.46
N PHE B 417 -18.15 -53.77 24.90
CA PHE B 417 -18.50 -54.08 26.28
C PHE B 417 -19.77 -54.95 26.41
N LYS B 418 -19.58 -56.21 26.81
CA LYS B 418 -20.66 -57.18 27.03
C LYS B 418 -21.51 -57.55 25.81
N SER B 431 -13.02 -91.11 22.94
CA SER B 431 -11.87 -90.46 23.63
C SER B 431 -11.32 -91.37 24.74
N ARG B 432 -10.44 -90.83 25.60
CA ARG B 432 -9.83 -91.62 26.70
C ARG B 432 -9.68 -90.88 28.05
N THR B 433 -10.66 -91.09 28.93
CA THR B 433 -10.74 -90.53 30.31
C THR B 433 -10.26 -89.12 30.66
N LEU B 434 -11.18 -88.38 31.27
CA LEU B 434 -10.98 -87.00 31.70
C LEU B 434 -10.01 -86.92 32.89
N THR B 435 -9.17 -87.93 33.09
CA THR B 435 -8.22 -87.89 34.22
C THR B 435 -6.74 -87.79 33.81
N ARG B 436 -6.40 -88.38 32.66
CA ARG B 436 -5.03 -88.30 32.14
C ARG B 436 -5.03 -86.92 31.49
N GLN B 437 -6.25 -86.53 31.09
CA GLN B 437 -6.57 -85.26 30.43
C GLN B 437 -6.48 -84.08 31.35
N GLN B 438 -7.09 -84.21 32.52
CA GLN B 438 -7.06 -83.14 33.50
C GLN B 438 -5.62 -82.90 33.99
N VAL B 439 -4.78 -83.92 33.93
CA VAL B 439 -3.37 -83.81 34.38
C VAL B 439 -2.51 -83.08 33.32
N HIS B 440 -2.79 -83.34 32.05
CA HIS B 440 -2.08 -82.72 30.93
C HIS B 440 -2.57 -81.28 30.74
N ALA B 441 -3.87 -81.12 30.52
CA ALA B 441 -4.49 -79.80 30.33
C ALA B 441 -4.46 -79.10 31.67
N LEU B 442 -3.28 -79.16 32.29
CA LEU B 442 -3.01 -78.59 33.60
C LEU B 442 -1.65 -77.90 33.53
N GLN B 443 -0.75 -78.44 32.71
CA GLN B 443 0.59 -77.86 32.60
C GLN B 443 0.52 -76.40 32.16
N ASP B 444 0.29 -76.17 30.87
CA ASP B 444 0.20 -74.83 30.31
C ASP B 444 -1.04 -74.09 30.88
N GLY B 445 -0.84 -72.91 31.47
CA GLY B 445 -1.93 -72.13 32.03
C GLY B 445 -2.86 -71.54 30.98
N ALA B 446 -2.29 -71.28 29.80
CA ALA B 446 -3.01 -70.75 28.66
C ALA B 446 -4.14 -71.69 28.26
N GLU B 447 -3.87 -72.99 28.26
CA GLU B 447 -4.84 -74.03 27.91
C GLU B 447 -5.59 -74.46 29.16
N LEU B 448 -5.09 -74.04 30.32
CA LEU B 448 -5.71 -74.34 31.60
C LEU B 448 -6.95 -73.48 31.75
N TYR B 449 -6.86 -72.22 31.32
CA TYR B 449 -8.00 -71.30 31.37
C TYR B 449 -9.02 -71.87 30.40
N ALA B 450 -8.61 -71.99 29.15
CA ALA B 450 -9.45 -72.52 28.09
C ALA B 450 -10.26 -73.68 28.62
N ALA B 451 -9.56 -74.63 29.21
CA ALA B 451 -10.15 -75.83 29.76
C ALA B 451 -11.12 -75.61 30.92
N VAL B 452 -11.29 -74.38 31.35
CA VAL B 452 -12.22 -74.12 32.44
C VAL B 452 -13.39 -73.31 31.92
N GLN B 453 -13.15 -72.56 30.84
CA GLN B 453 -14.18 -71.74 30.23
C GLN B 453 -15.06 -72.57 29.30
N TYR B 454 -14.46 -73.23 28.32
CA TYR B 454 -15.23 -74.08 27.43
C TYR B 454 -15.46 -75.37 28.24
N ALA B 455 -15.61 -75.20 29.56
CA ALA B 455 -15.80 -76.30 30.48
C ALA B 455 -17.25 -76.66 30.79
N SER B 456 -17.60 -77.90 30.47
CA SER B 456 -18.94 -78.42 30.70
C SER B 456 -19.35 -78.05 32.13
N ASP B 457 -18.40 -78.19 33.05
CA ASP B 457 -18.63 -77.89 34.46
C ASP B 457 -17.62 -76.88 35.03
N PRO B 458 -18.12 -75.78 35.60
CA PRO B 458 -17.34 -74.68 36.22
C PRO B 458 -16.35 -75.02 37.33
N ASP B 459 -16.39 -74.21 38.39
CA ASP B 459 -15.52 -74.33 39.57
C ASP B 459 -15.49 -75.75 40.18
N HIS B 460 -16.15 -76.69 39.52
CA HIS B 460 -16.18 -78.07 39.99
C HIS B 460 -15.02 -78.86 39.38
N LEU B 461 -14.37 -78.28 38.38
CA LEU B 461 -13.23 -78.92 37.73
C LEU B 461 -11.96 -78.34 38.32
N GLU B 462 -11.90 -77.03 38.47
CA GLU B 462 -10.71 -76.40 39.03
C GLU B 462 -10.49 -76.79 40.49
N ALA B 463 -11.42 -77.58 41.01
CA ALA B 463 -11.30 -78.07 42.37
C ALA B 463 -10.77 -79.49 42.26
N CYS B 464 -10.39 -79.88 41.04
CA CYS B 464 -9.82 -81.21 40.79
C CYS B 464 -8.31 -81.09 40.56
N PHE B 465 -7.81 -79.87 40.73
CA PHE B 465 -6.39 -79.56 40.67
C PHE B 465 -6.09 -78.36 41.62
N SER B 466 -5.35 -78.63 42.70
CA SER B 466 -5.03 -77.63 43.73
C SER B 466 -3.52 -77.44 43.95
N GLU B 467 -2.74 -77.66 42.90
CA GLU B 467 -1.27 -77.57 42.99
C GLU B 467 -0.58 -76.32 42.45
N GLU B 468 0.46 -76.54 41.65
CA GLU B 468 1.24 -75.49 41.02
C GLU B 468 0.47 -75.09 39.78
N GLN B 469 -0.22 -76.06 39.21
CA GLN B 469 -1.00 -75.89 38.00
C GLN B 469 -2.39 -75.31 38.25
N LEU B 470 -2.51 -74.64 39.40
CA LEU B 470 -3.73 -73.96 39.84
C LEU B 470 -3.20 -72.55 40.14
N ARG B 471 -1.91 -72.39 39.91
CA ARG B 471 -1.25 -71.12 40.10
C ARG B 471 -0.70 -70.80 38.74
N ALA B 472 -1.12 -71.56 37.75
CA ALA B 472 -0.68 -71.29 36.39
C ALA B 472 -1.87 -70.66 35.73
N LEU B 473 -3.05 -71.12 36.15
CA LEU B 473 -4.29 -70.58 35.62
C LEU B 473 -4.52 -69.23 36.30
N ASN B 474 -4.33 -69.17 37.62
CA ASN B 474 -4.50 -67.92 38.35
C ASN B 474 -3.38 -66.95 38.07
N ASN B 475 -2.55 -67.30 37.11
CA ASN B 475 -1.46 -66.44 36.74
C ASN B 475 -1.68 -66.11 35.28
N TYR B 476 -2.57 -66.87 34.63
CA TYR B 476 -2.90 -66.57 33.24
C TYR B 476 -4.26 -65.92 33.28
N ARG B 477 -4.79 -65.85 34.50
CA ARG B 477 -6.07 -65.25 34.78
C ARG B 477 -5.74 -63.77 34.99
N GLN B 478 -5.03 -63.44 36.06
CA GLN B 478 -4.73 -62.04 36.27
C GLN B 478 -3.87 -61.36 35.19
N MET B 479 -3.35 -62.10 34.21
CA MET B 479 -2.55 -61.41 33.20
C MET B 479 -3.52 -61.03 32.12
N LEU B 480 -4.71 -61.66 32.15
CA LEU B 480 -5.78 -61.36 31.19
C LEU B 480 -6.44 -60.08 31.60
N ASN B 481 -6.60 -59.88 32.90
CA ASN B 481 -7.16 -58.64 33.35
C ASN B 481 -6.18 -57.53 32.97
N ASP B 482 -4.95 -57.58 33.43
CA ASP B 482 -4.04 -56.54 33.03
C ASP B 482 -3.74 -56.63 31.55
N LYS B 483 -4.77 -56.87 30.77
CA LYS B 483 -4.64 -56.94 29.32
C LYS B 483 -5.87 -56.12 28.87
N LYS B 484 -6.99 -56.43 29.54
CA LYS B 484 -8.29 -55.80 29.37
C LYS B 484 -7.98 -54.43 29.94
N GLN B 485 -8.08 -54.27 31.26
CA GLN B 485 -7.77 -53.00 31.92
C GLN B 485 -6.78 -52.14 31.13
N ALA B 486 -5.97 -52.74 30.27
CA ALA B 486 -5.04 -51.97 29.46
C ALA B 486 -5.82 -51.36 28.31
N ARG B 487 -6.54 -52.19 27.57
CA ARG B 487 -7.34 -51.72 26.42
C ARG B 487 -8.31 -50.65 26.86
N ILE B 488 -9.14 -50.96 27.84
CA ILE B 488 -10.06 -49.96 28.35
C ILE B 488 -9.28 -48.65 28.55
N GLN B 489 -8.67 -48.47 29.72
CA GLN B 489 -7.87 -47.26 29.95
C GLN B 489 -7.41 -46.64 28.64
N SER B 490 -6.70 -47.40 27.82
CA SER B 490 -6.20 -46.89 26.56
C SER B 490 -7.27 -46.61 25.54
N GLU B 491 -8.20 -47.54 25.36
CA GLU B 491 -9.24 -47.33 24.37
C GLU B 491 -9.97 -46.01 24.61
N PHE B 492 -10.18 -45.65 25.88
CA PHE B 492 -10.74 -44.34 26.24
C PHE B 492 -9.66 -43.41 25.68
N ARG B 493 -9.00 -42.62 26.54
CA ARG B 493 -7.91 -41.76 26.08
C ARG B 493 -7.88 -41.79 24.53
N LYS B 494 -7.34 -42.86 23.95
CA LYS B 494 -7.26 -43.02 22.49
C LYS B 494 -8.41 -42.30 21.76
N ALA B 495 -9.64 -42.49 22.26
CA ALA B 495 -10.84 -41.84 21.69
C ALA B 495 -10.93 -40.43 22.25
N LEU B 496 -11.40 -40.32 23.49
CA LEU B 496 -11.50 -39.01 24.12
C LEU B 496 -10.43 -38.03 23.60
N GLU B 497 -9.24 -38.52 23.35
CA GLU B 497 -8.17 -37.66 22.88
C GLU B 497 -8.26 -37.36 21.39
N SER B 498 -9.03 -38.15 20.66
CA SER B 498 -9.17 -37.93 19.24
C SER B 498 -10.42 -37.09 18.95
N ALA B 499 -11.24 -36.88 19.97
CA ALA B 499 -12.45 -36.07 19.84
C ALA B 499 -12.06 -34.65 20.20
N GLU B 500 -11.21 -34.50 21.21
CA GLU B 500 -10.74 -33.18 21.59
C GLU B 500 -9.95 -32.62 20.39
N LYS B 501 -9.60 -33.50 19.46
CA LYS B 501 -8.86 -33.10 18.26
C LYS B 501 -9.89 -32.96 17.15
N GLU B 502 -11.14 -33.27 17.48
CA GLU B 502 -12.23 -33.14 16.51
C GLU B 502 -12.94 -31.86 16.89
N GLU B 503 -13.70 -31.93 17.98
CA GLU B 503 -14.45 -30.79 18.49
C GLU B 503 -13.73 -29.44 18.43
N GLY B 504 -12.41 -29.48 18.28
CA GLY B 504 -11.65 -28.24 18.25
C GLY B 504 -11.40 -27.65 16.88
N LEU B 505 -11.70 -28.39 15.82
CA LEU B 505 -11.48 -27.89 14.46
C LEU B 505 -12.71 -27.17 13.92
N SER B 506 -12.50 -25.98 13.35
CA SER B 506 -13.60 -25.20 12.81
C SER B 506 -13.33 -24.68 11.41
N ARG B 507 -14.41 -24.32 10.72
CA ARG B 507 -14.35 -23.77 9.37
C ARG B 507 -13.78 -22.37 9.50
N ASP B 508 -12.89 -21.99 8.61
CA ASP B 508 -12.31 -20.64 8.68
C ASP B 508 -13.15 -19.72 7.81
N VAL B 509 -14.17 -19.10 8.40
CA VAL B 509 -15.04 -18.20 7.63
C VAL B 509 -15.11 -16.73 8.08
N THR B 510 -14.85 -15.88 7.11
CA THR B 510 -14.88 -14.44 7.25
C THR B 510 -15.78 -13.98 6.10
N THR B 511 -16.05 -12.68 5.99
CA THR B 511 -16.95 -12.20 4.94
C THR B 511 -16.37 -11.05 4.14
N VAL B 512 -16.81 -10.84 2.90
CA VAL B 512 -16.28 -9.76 2.02
C VAL B 512 -17.34 -8.98 1.27
N TRP B 513 -17.02 -7.73 0.94
CA TRP B 513 -17.90 -6.85 0.16
C TRP B 513 -17.11 -6.27 -0.99
N LYS B 514 -17.59 -6.51 -2.21
CA LYS B 514 -16.95 -5.99 -3.41
C LYS B 514 -17.73 -4.77 -3.93
N LEU B 515 -17.01 -3.74 -4.35
CA LEU B 515 -17.62 -2.56 -4.91
C LEU B 515 -16.88 -2.28 -6.21
N ARG B 516 -17.61 -1.83 -7.23
CA ARG B 516 -16.96 -1.48 -8.46
C ARG B 516 -16.93 0.04 -8.41
N VAL B 517 -15.75 0.62 -8.24
CA VAL B 517 -15.62 2.06 -8.17
C VAL B 517 -14.70 2.54 -9.31
N THR B 518 -14.76 3.84 -9.61
CA THR B 518 -13.97 4.47 -10.68
C THR B 518 -13.60 5.89 -10.28
N SER B 519 -12.39 6.30 -10.66
CA SER B 519 -11.88 7.64 -10.39
C SER B 519 -12.84 8.69 -10.92
N TYR B 520 -13.14 9.67 -10.08
CA TYR B 520 -14.06 10.76 -10.41
C TYR B 520 -13.63 11.53 -11.66
N LYS B 521 -12.32 11.58 -11.85
CA LYS B 521 -11.68 12.26 -12.97
C LYS B 521 -11.86 11.46 -14.25
N LYS B 522 -12.82 11.91 -15.05
CA LYS B 522 -13.19 11.34 -16.36
C LYS B 522 -12.74 9.93 -16.69
N LYS B 523 -13.08 9.48 -17.90
CA LYS B 523 -12.71 8.14 -18.34
C LYS B 523 -12.94 7.22 -17.17
N GLU B 524 -11.94 6.39 -16.90
CA GLU B 524 -11.96 5.46 -15.79
C GLU B 524 -11.25 4.16 -16.09
N LYS B 525 -11.16 3.32 -15.06
CA LYS B 525 -10.53 2.00 -15.12
C LYS B 525 -11.19 1.21 -13.98
N SER B 526 -12.52 1.36 -13.87
CA SER B 526 -13.30 0.71 -12.82
C SER B 526 -12.63 -0.55 -12.32
N ALA B 527 -12.00 -0.43 -11.16
CA ALA B 527 -11.32 -1.55 -10.54
C ALA B 527 -12.22 -1.97 -9.42
N LEU B 528 -11.78 -2.97 -8.67
CA LEU B 528 -12.60 -3.47 -7.57
C LEU B 528 -12.07 -3.24 -6.16
N LEU B 529 -13.00 -2.83 -5.30
CA LEU B 529 -12.76 -2.51 -3.90
C LEU B 529 -13.31 -3.63 -3.08
N SER B 530 -12.47 -4.28 -2.29
CA SER B 530 -12.96 -5.35 -1.43
C SER B 530 -12.86 -4.81 0.01
N ILE B 531 -13.91 -5.03 0.78
CA ILE B 531 -13.93 -4.54 2.15
C ILE B 531 -14.28 -5.74 2.98
N TRP B 532 -13.35 -6.20 3.80
CA TRP B 532 -13.59 -7.36 4.63
C TRP B 532 -14.39 -7.06 5.89
N ARG B 533 -15.18 -8.03 6.34
CA ARG B 533 -16.01 -7.84 7.53
C ARG B 533 -16.46 -6.39 7.65
N PRO B 534 -17.33 -5.95 6.74
CA PRO B 534 -17.88 -4.60 6.68
C PRO B 534 -18.85 -4.19 7.81
N SER B 535 -18.41 -3.26 8.65
CA SER B 535 -19.25 -2.80 9.76
C SER B 535 -20.62 -2.38 9.26
N SER B 536 -21.69 -2.82 9.94
CA SER B 536 -23.06 -2.46 9.53
C SER B 536 -23.17 -1.03 9.03
N ASP B 537 -22.33 -0.15 9.57
CA ASP B 537 -22.27 1.27 9.19
C ASP B 537 -21.86 1.35 7.74
N LEU B 538 -20.57 1.09 7.53
CA LEU B 538 -19.94 1.10 6.23
C LEU B 538 -20.91 0.58 5.18
N SER B 539 -21.55 -0.52 5.52
CA SER B 539 -22.47 -1.18 4.62
C SER B 539 -23.57 -0.29 4.10
N SER B 540 -24.07 0.61 4.94
CA SER B 540 -25.16 1.52 4.58
C SER B 540 -24.75 2.95 4.20
N LEU B 541 -23.47 3.23 4.29
CA LEU B 541 -22.95 4.54 3.97
C LEU B 541 -22.68 4.56 2.51
N LEU B 542 -21.98 3.54 2.02
CA LEU B 542 -21.65 3.43 0.60
C LEU B 542 -22.92 3.04 -0.12
N THR B 543 -23.25 3.75 -1.19
CA THR B 543 -24.44 3.43 -1.98
C THR B 543 -23.96 3.63 -3.39
N GLU B 544 -24.66 3.02 -4.36
CA GLU B 544 -24.26 3.16 -5.76
C GLU B 544 -24.49 4.58 -6.29
N GLY B 545 -23.66 4.96 -7.24
CA GLY B 545 -23.77 6.30 -7.78
C GLY B 545 -23.55 7.39 -6.73
N LYS B 546 -22.36 7.41 -6.16
CA LYS B 546 -22.01 8.41 -5.16
C LYS B 546 -20.54 8.61 -5.15
N ARG B 547 -20.12 9.65 -4.46
CA ARG B 547 -18.73 9.97 -4.44
C ARG B 547 -18.16 9.84 -3.06
N TYR B 548 -16.94 9.35 -2.99
CA TYR B 548 -16.30 9.22 -1.72
C TYR B 548 -14.86 9.43 -2.01
N ARG B 549 -14.10 9.63 -0.95
CA ARG B 549 -12.69 9.78 -1.09
C ARG B 549 -12.31 8.80 -0.04
N ILE B 550 -11.84 7.66 -0.49
CA ILE B 550 -11.44 6.62 0.39
C ILE B 550 -9.96 6.90 0.53
N TYR B 551 -9.48 6.86 1.76
CA TYR B 551 -8.08 7.12 2.05
C TYR B 551 -7.50 5.86 2.61
N HIS B 552 -6.21 5.65 2.33
CA HIS B 552 -5.48 4.47 2.79
C HIS B 552 -6.17 3.18 2.44
N LEU B 553 -5.94 2.72 1.20
CA LEU B 553 -6.52 1.49 0.69
C LEU B 553 -5.43 0.49 0.43
N ALA B 554 -5.69 -0.76 0.81
CA ALA B 554 -4.74 -1.86 0.71
C ALA B 554 -3.86 -1.89 -0.52
N VAL B 555 -2.60 -2.23 -0.24
CA VAL B 555 -1.51 -2.35 -1.21
C VAL B 555 -1.94 -2.79 -2.61
N SER B 556 -2.90 -2.06 -3.19
CA SER B 556 -3.40 -2.35 -4.50
C SER B 556 -2.91 -3.71 -5.03
N LYS B 557 -3.48 -4.78 -4.49
CA LYS B 557 -3.09 -6.13 -4.89
C LYS B 557 -3.63 -6.44 -6.28
N SER B 558 -2.77 -6.98 -7.14
CA SER B 558 -3.14 -7.31 -8.51
C SER B 558 -4.35 -8.25 -8.62
N LYS B 559 -5.15 -8.02 -9.66
CA LYS B 559 -6.35 -8.80 -9.93
C LYS B 559 -5.99 -10.20 -10.41
N SER B 560 -6.89 -10.82 -11.17
CA SER B 560 -6.67 -12.17 -11.68
C SER B 560 -7.69 -12.55 -12.75
N LYS B 561 -7.47 -13.73 -13.34
CA LYS B 561 -8.34 -14.30 -14.39
C LYS B 561 -8.10 -13.75 -15.81
N PHE B 562 -7.18 -14.39 -16.53
CA PHE B 562 -6.79 -14.04 -17.91
C PHE B 562 -5.65 -13.02 -18.05
N GLU B 563 -5.97 -11.79 -18.44
CA GLU B 563 -4.97 -10.73 -18.65
C GLU B 563 -4.65 -9.84 -17.44
N ARG B 564 -3.81 -8.82 -17.63
CA ARG B 564 -3.41 -7.93 -16.52
C ARG B 564 -3.94 -6.49 -16.44
N PRO B 565 -4.92 -6.10 -17.27
CA PRO B 565 -5.39 -4.71 -17.13
C PRO B 565 -6.00 -4.42 -15.75
N SER B 566 -6.45 -3.18 -15.49
CA SER B 566 -7.05 -2.79 -14.20
C SER B 566 -6.23 -3.21 -12.96
N ILE B 567 -6.84 -3.04 -11.78
CA ILE B 567 -6.19 -3.40 -10.50
C ILE B 567 -7.22 -3.69 -9.37
N GLN B 568 -6.75 -4.09 -8.19
CA GLN B 568 -7.66 -4.40 -7.09
C GLN B 568 -7.45 -3.56 -5.83
N LEU B 569 -8.54 -3.10 -5.22
CA LEU B 569 -8.48 -2.30 -4.00
C LEU B 569 -9.06 -3.05 -2.81
N THR B 570 -8.36 -3.03 -1.68
CA THR B 570 -8.83 -3.69 -0.46
C THR B 570 -8.67 -2.68 0.67
N ALA B 571 -9.61 -2.61 1.58
CA ALA B 571 -9.46 -1.63 2.63
C ALA B 571 -8.93 -2.26 3.89
N THR B 572 -7.92 -1.62 4.47
CA THR B 572 -7.29 -2.09 5.67
C THR B 572 -7.90 -1.40 6.90
N LYS B 573 -7.47 -1.79 8.10
CA LYS B 573 -8.04 -1.20 9.31
C LYS B 573 -7.84 0.29 9.45
N ARG B 574 -7.00 0.89 8.61
CA ARG B 574 -6.81 2.34 8.70
C ARG B 574 -7.31 3.10 7.47
N THR B 575 -8.41 2.60 6.89
CA THR B 575 -9.03 3.21 5.72
C THR B 575 -10.14 4.02 6.30
N GLN B 576 -10.45 5.14 5.69
CA GLN B 576 -11.53 5.97 6.19
C GLN B 576 -12.25 6.37 4.93
N TYR B 577 -13.57 6.47 4.99
CA TYR B 577 -14.40 6.83 3.84
C TYR B 577 -15.02 8.21 4.07
N GLN B 578 -14.67 9.16 3.22
CA GLN B 578 -15.25 10.49 3.34
C GLN B 578 -16.14 10.65 2.11
N GLN B 579 -17.42 10.88 2.34
CA GLN B 579 -18.35 11.03 1.23
C GLN B 579 -18.35 12.47 0.76
N LEU B 580 -18.07 12.71 -0.52
CA LEU B 580 -18.09 14.08 -1.04
C LEU B 580 -19.26 14.19 -2.00
N PRO B 581 -19.75 15.42 -2.26
CA PRO B 581 -20.89 15.53 -3.19
C PRO B 581 -20.57 15.51 -4.68
N VAL B 582 -21.64 15.44 -5.47
CA VAL B 582 -21.57 15.40 -6.93
C VAL B 582 -22.79 16.11 -7.51
N SER B 583 -22.58 16.78 -8.64
CA SER B 583 -23.65 17.48 -9.33
C SER B 583 -24.32 16.57 -10.33
N SER B 584 -25.65 16.49 -10.24
CA SER B 584 -26.41 15.66 -11.15
C SER B 584 -25.76 15.86 -12.53
N GLU B 585 -25.77 17.11 -12.96
CA GLU B 585 -25.22 17.54 -14.24
C GLU B 585 -23.85 16.95 -14.63
N THR B 586 -22.98 16.67 -13.66
CA THR B 586 -21.66 16.14 -14.01
C THR B 586 -21.40 14.71 -13.58
N LEU B 587 -22.46 13.99 -13.26
CA LEU B 587 -22.34 12.60 -12.84
C LEU B 587 -22.37 11.69 -14.08
N LEU B 588 -23.39 11.90 -14.89
CA LEU B 588 -23.65 11.13 -16.11
C LEU B 588 -22.48 10.76 -17.03
N GLN B 589 -21.30 11.32 -16.80
CA GLN B 589 -20.16 11.01 -17.66
C GLN B 589 -19.57 9.64 -17.36
N VAL B 590 -19.23 9.42 -16.10
CA VAL B 590 -18.64 8.17 -15.61
C VAL B 590 -19.71 7.17 -15.11
N TYR B 591 -20.58 7.67 -14.25
CA TYR B 591 -21.64 6.89 -13.63
C TYR B 591 -22.88 6.51 -14.46
N GLN B 592 -22.93 5.25 -14.90
CA GLN B 592 -24.06 4.71 -15.65
C GLN B 592 -24.83 3.87 -14.66
N PRO B 593 -26.01 4.33 -14.25
CA PRO B 593 -26.85 3.61 -13.30
C PRO B 593 -27.14 2.18 -13.72
N ARG B 594 -27.77 1.42 -12.83
CA ARG B 594 -28.12 0.05 -13.15
C ARG B 594 -29.32 0.13 -14.10
N GLU B 595 -29.32 -0.70 -15.15
CA GLU B 595 -30.40 -0.69 -16.13
C GLU B 595 -30.89 -2.12 -16.40
N SER B 596 -32.20 -2.33 -16.41
CA SER B 596 -32.77 -3.65 -16.66
C SER B 596 -33.13 -3.87 -18.13
N LEU B 597 -32.11 -4.17 -18.95
CA LEU B 597 -32.28 -4.37 -20.39
C LEU B 597 -33.65 -4.77 -20.90
N HIS B 598 -33.94 -4.34 -22.12
CA HIS B 598 -35.22 -4.63 -22.77
C HIS B 598 -35.04 -5.90 -23.63
N PHE B 599 -34.05 -6.69 -23.22
CA PHE B 599 -33.70 -7.95 -23.86
C PHE B 599 -33.04 -7.87 -25.23
N SER B 600 -33.39 -6.84 -25.99
CA SER B 600 -32.84 -6.69 -27.33
C SER B 600 -31.31 -6.56 -27.32
N ARG B 601 -30.81 -5.52 -26.65
CA ARG B 601 -29.36 -5.22 -26.55
C ARG B 601 -28.38 -6.37 -26.77
N LEU B 602 -28.62 -7.50 -26.09
CA LEU B 602 -27.74 -8.66 -26.19
C LEU B 602 -27.53 -9.07 -27.63
N SER B 603 -28.22 -8.40 -28.55
CA SER B 603 -28.16 -8.70 -29.99
C SER B 603 -27.12 -7.90 -30.79
N ASP B 604 -27.13 -6.59 -30.62
CA ASP B 604 -26.24 -5.67 -31.34
C ASP B 604 -24.79 -5.62 -30.85
N PRO B 605 -23.83 -5.99 -31.73
CA PRO B 605 -22.39 -6.02 -31.46
C PRO B 605 -21.78 -4.71 -31.00
N ALA B 606 -22.60 -3.90 -30.35
CA ALA B 606 -22.21 -2.60 -29.81
C ALA B 606 -23.00 -2.28 -28.54
N PHE B 607 -22.60 -2.87 -27.42
CA PHE B 607 -23.24 -2.65 -26.12
C PHE B 607 -22.60 -3.50 -25.02
N GLN B 608 -21.28 -3.47 -24.94
CA GLN B 608 -20.51 -4.22 -23.94
C GLN B 608 -21.20 -4.14 -22.58
N PRO B 609 -22.18 -3.25 -22.50
CA PRO B 609 -23.00 -3.02 -21.32
C PRO B 609 -22.28 -3.17 -19.99
N PRO B 610 -21.51 -2.15 -19.63
CA PRO B 610 -20.79 -2.11 -18.37
C PRO B 610 -20.11 -3.41 -17.94
N CYS B 611 -18.81 -3.51 -18.20
CA CYS B 611 -18.02 -4.67 -17.79
C CYS B 611 -18.69 -6.04 -18.04
N SER B 612 -19.74 -6.06 -18.87
CA SER B 612 -20.48 -7.29 -19.23
C SER B 612 -21.69 -7.68 -18.36
N GLU B 613 -21.80 -7.09 -17.18
CA GLU B 613 -22.90 -7.41 -16.30
C GLU B 613 -24.18 -6.79 -16.79
N VAL B 614 -25.26 -7.55 -16.64
CA VAL B 614 -26.58 -7.10 -17.02
C VAL B 614 -27.54 -7.54 -15.92
N ASP B 615 -28.72 -6.94 -15.88
CA ASP B 615 -29.72 -7.33 -14.90
C ASP B 615 -30.90 -7.43 -15.80
N VAL B 616 -31.79 -8.39 -15.55
CA VAL B 616 -32.92 -8.60 -16.44
C VAL B 616 -34.22 -8.99 -15.77
N VAL B 617 -35.27 -9.09 -16.57
CA VAL B 617 -36.56 -9.48 -16.04
C VAL B 617 -37.22 -10.43 -17.00
N GLY B 618 -38.19 -11.18 -16.52
CA GLY B 618 -38.86 -12.11 -17.41
C GLY B 618 -39.72 -13.16 -16.75
N VAL B 619 -40.08 -14.14 -17.54
CA VAL B 619 -40.87 -15.24 -17.06
C VAL B 619 -40.16 -16.48 -17.51
N VAL B 620 -40.21 -17.48 -16.66
CA VAL B 620 -39.54 -18.72 -16.97
C VAL B 620 -40.45 -19.58 -17.84
N VAL B 621 -39.93 -20.02 -18.99
CA VAL B 621 -40.72 -20.88 -19.85
C VAL B 621 -40.51 -22.28 -19.30
N SER B 622 -39.25 -22.67 -19.15
CA SER B 622 -38.94 -23.99 -18.62
C SER B 622 -37.54 -24.11 -18.08
N VAL B 623 -37.42 -24.79 -16.95
CA VAL B 623 -36.15 -25.03 -16.30
C VAL B 623 -35.61 -26.30 -16.94
N VAL B 624 -34.33 -26.53 -16.77
CA VAL B 624 -33.75 -27.71 -17.35
C VAL B 624 -32.54 -28.03 -16.51
N LYS B 625 -32.43 -29.26 -15.99
CA LYS B 625 -31.26 -29.56 -15.17
C LYS B 625 -30.32 -30.65 -15.68
N PRO B 626 -29.90 -30.51 -16.94
CA PRO B 626 -29.00 -31.40 -17.66
C PRO B 626 -28.17 -32.33 -16.82
N ILE B 627 -28.44 -33.61 -17.00
CA ILE B 627 -27.77 -34.70 -16.30
C ILE B 627 -26.27 -34.50 -16.38
N GLY B 628 -25.64 -34.16 -15.26
CA GLY B 628 -24.20 -33.95 -15.28
C GLY B 628 -23.85 -32.54 -14.83
N LEU B 629 -24.79 -31.93 -14.13
CA LEU B 629 -24.62 -30.59 -13.57
C LEU B 629 -24.38 -29.43 -14.56
N ALA B 630 -25.09 -28.32 -14.31
CA ALA B 630 -25.04 -27.07 -15.08
C ALA B 630 -26.45 -26.67 -15.52
N PRO B 631 -27.37 -26.53 -14.57
CA PRO B 631 -28.75 -26.16 -14.92
C PRO B 631 -28.88 -25.01 -15.90
N LEU B 632 -30.06 -24.86 -16.48
CA LEU B 632 -30.36 -23.79 -17.43
C LEU B 632 -31.75 -23.25 -17.11
N VAL B 633 -31.93 -21.95 -17.24
CA VAL B 633 -33.23 -21.36 -17.00
C VAL B 633 -33.63 -20.49 -18.17
N TYR B 634 -34.69 -20.92 -18.84
CA TYR B 634 -35.19 -20.23 -19.99
C TYR B 634 -36.17 -19.15 -19.59
N LEU B 635 -35.75 -17.91 -19.86
CA LEU B 635 -36.56 -16.75 -19.57
C LEU B 635 -37.01 -16.13 -20.87
N SER B 636 -38.21 -15.59 -20.84
CA SER B 636 -38.80 -14.93 -21.97
C SER B 636 -39.39 -13.62 -21.48
N ASP B 637 -39.05 -12.53 -22.16
CA ASP B 637 -39.52 -11.20 -21.79
C ASP B 637 -40.90 -10.92 -22.39
N GLU B 638 -41.16 -9.64 -22.62
CA GLU B 638 -42.43 -9.18 -23.18
C GLU B 638 -42.54 -9.24 -24.71
N CYS B 639 -41.39 -9.10 -25.39
CA CYS B 639 -41.39 -9.17 -26.85
C CYS B 639 -41.06 -10.62 -27.26
N LEU B 640 -41.59 -11.54 -26.46
CA LEU B 640 -41.42 -12.96 -26.70
C LEU B 640 -39.98 -13.29 -27.15
N ASN B 641 -39.02 -12.67 -26.47
CA ASN B 641 -37.61 -12.90 -26.76
C ASN B 641 -37.13 -13.85 -25.70
N LEU B 642 -36.19 -14.70 -26.09
CA LEU B 642 -35.68 -15.66 -25.15
C LEU B 642 -34.18 -15.60 -24.93
N LEU B 643 -33.77 -16.01 -23.74
CA LEU B 643 -32.37 -16.06 -23.40
C LEU B 643 -32.29 -17.15 -22.38
N VAL B 644 -31.08 -17.50 -22.01
CA VAL B 644 -30.89 -18.52 -21.02
C VAL B 644 -29.87 -18.14 -19.97
N VAL B 645 -30.13 -18.58 -18.76
CA VAL B 645 -29.25 -18.28 -17.68
C VAL B 645 -28.59 -19.58 -17.27
N LYS B 646 -27.28 -19.69 -17.47
CA LYS B 646 -26.54 -20.89 -17.06
C LYS B 646 -26.24 -20.72 -15.56
N PHE B 647 -26.62 -21.70 -14.74
CA PHE B 647 -26.39 -21.57 -13.30
C PHE B 647 -25.10 -22.22 -12.74
N GLY B 648 -24.24 -21.38 -12.18
CA GLY B 648 -23.01 -21.86 -11.60
C GLY B 648 -23.24 -22.15 -10.14
N ILE B 649 -24.33 -21.60 -9.60
CA ILE B 649 -24.71 -21.80 -8.20
C ILE B 649 -25.95 -22.71 -8.10
N ASP B 650 -26.72 -22.57 -7.02
CA ASP B 650 -27.92 -23.38 -6.81
C ASP B 650 -29.22 -22.57 -7.00
N LEU B 651 -30.15 -23.13 -7.77
CA LEU B 651 -31.42 -22.46 -8.04
C LEU B 651 -32.07 -21.92 -6.79
N ASN B 652 -32.38 -20.62 -6.80
CA ASN B 652 -32.98 -19.95 -5.65
C ASN B 652 -34.42 -20.29 -5.29
N GLU B 653 -34.79 -21.57 -5.41
CA GLU B 653 -36.13 -22.08 -5.06
C GLU B 653 -37.31 -21.71 -5.96
N ASP B 654 -37.73 -20.47 -5.80
CA ASP B 654 -38.84 -19.90 -6.52
C ASP B 654 -38.77 -20.03 -8.04
N ILE B 655 -37.56 -20.11 -8.61
CA ILE B 655 -37.43 -20.23 -10.06
C ILE B 655 -38.12 -21.46 -10.64
N LYS B 656 -39.44 -21.53 -10.46
CA LYS B 656 -40.25 -22.61 -10.98
C LYS B 656 -40.76 -22.17 -12.33
N PRO B 657 -41.00 -23.10 -13.26
CA PRO B 657 -41.49 -22.71 -14.58
C PRO B 657 -42.59 -21.64 -14.52
N ARG B 658 -42.48 -20.63 -15.37
CA ARG B 658 -43.45 -19.54 -15.46
C ARG B 658 -43.74 -18.68 -14.22
N VAL B 659 -42.78 -17.83 -13.86
CA VAL B 659 -42.89 -16.91 -12.75
C VAL B 659 -42.10 -15.66 -13.07
N LEU B 660 -42.64 -14.53 -12.64
CA LEU B 660 -42.02 -13.26 -12.87
C LEU B 660 -40.69 -13.33 -12.15
N ILE B 661 -39.59 -13.22 -12.87
CA ILE B 661 -38.31 -13.32 -12.21
C ILE B 661 -37.34 -12.18 -12.51
N ALA B 662 -36.92 -11.44 -11.48
CA ALA B 662 -35.95 -10.37 -11.67
C ALA B 662 -34.57 -10.87 -11.25
N ALA B 663 -33.51 -10.28 -11.80
CA ALA B 663 -32.18 -10.80 -11.52
C ALA B 663 -31.08 -9.76 -11.68
N SER B 664 -30.28 -9.55 -10.65
CA SER B 664 -29.19 -8.59 -10.75
C SER B 664 -27.91 -9.38 -10.92
N ASN B 665 -26.92 -8.77 -11.54
CA ASN B 665 -25.62 -9.42 -11.74
C ASN B 665 -25.56 -10.66 -12.60
N LEU B 666 -25.64 -10.51 -13.92
CA LEU B 666 -25.53 -11.66 -14.83
C LEU B 666 -24.46 -11.34 -15.87
N GLN B 667 -23.62 -12.32 -16.22
CA GLN B 667 -22.53 -12.14 -17.18
C GLN B 667 -22.78 -12.73 -18.57
N CYS B 668 -22.45 -12.00 -19.64
CA CYS B 668 -22.61 -12.47 -21.03
C CYS B 668 -21.67 -13.65 -21.30
N GLN B 669 -22.07 -14.49 -22.25
CA GLN B 669 -21.25 -15.63 -22.65
C GLN B 669 -21.05 -15.44 -24.14
N PRO B 670 -20.05 -16.11 -24.71
CA PRO B 670 -19.75 -16.02 -26.13
C PRO B 670 -20.89 -16.48 -27.02
N GLU B 671 -20.72 -16.22 -28.32
CA GLU B 671 -21.68 -16.59 -29.36
C GLU B 671 -23.11 -16.14 -29.09
N SER B 672 -23.31 -14.82 -29.08
CA SER B 672 -24.65 -14.29 -28.89
C SER B 672 -25.26 -14.30 -30.31
N THR B 673 -26.12 -13.34 -30.61
CA THR B 673 -26.77 -13.25 -31.93
C THR B 673 -27.20 -14.61 -32.49
N SER B 674 -28.14 -15.26 -31.80
CA SER B 674 -28.65 -16.57 -32.23
C SER B 674 -29.97 -16.97 -31.54
N GLY B 675 -30.76 -15.97 -31.15
CA GLY B 675 -32.04 -16.23 -30.51
C GLY B 675 -31.90 -16.94 -29.17
N VAL B 676 -30.78 -17.65 -29.02
CA VAL B 676 -30.47 -18.38 -27.81
C VAL B 676 -29.33 -17.64 -27.12
N PRO B 677 -29.64 -16.50 -26.46
CA PRO B 677 -28.63 -15.70 -25.75
C PRO B 677 -28.07 -16.56 -24.65
N THR B 678 -27.23 -16.01 -23.81
CA THR B 678 -26.70 -16.83 -22.72
C THR B 678 -26.10 -16.02 -21.58
N LEU B 679 -26.92 -15.72 -20.59
CA LEU B 679 -26.44 -14.99 -19.43
C LEU B 679 -25.85 -16.07 -18.55
N PHE B 680 -25.23 -15.71 -17.43
CA PHE B 680 -24.63 -16.69 -16.52
C PHE B 680 -24.63 -16.20 -15.09
N ALA B 681 -25.25 -17.01 -14.23
CA ALA B 681 -25.42 -16.68 -12.82
C ALA B 681 -24.30 -17.19 -11.94
N GLY B 682 -23.54 -16.24 -11.41
CA GLY B 682 -22.42 -16.53 -10.54
C GLY B 682 -22.74 -16.25 -9.10
N HIS B 683 -21.68 -16.03 -8.34
CA HIS B 683 -21.85 -15.81 -6.92
C HIS B 683 -22.50 -14.53 -6.56
N PHE B 684 -22.30 -13.51 -7.38
CA PHE B 684 -22.88 -12.22 -7.04
C PHE B 684 -24.28 -11.98 -7.56
N SER B 685 -24.88 -13.04 -8.08
CA SER B 685 -26.22 -13.00 -8.61
C SER B 685 -27.35 -12.95 -7.59
N ILE B 686 -28.30 -12.05 -7.78
CA ILE B 686 -29.41 -12.05 -6.84
C ILE B 686 -30.59 -12.42 -7.72
N PHE B 687 -31.70 -12.88 -7.14
CA PHE B 687 -32.88 -13.23 -7.93
C PHE B 687 -34.08 -12.89 -7.09
N SER B 688 -35.28 -12.90 -7.67
CA SER B 688 -36.46 -12.54 -6.88
C SER B 688 -37.81 -12.57 -7.58
N ALA B 689 -38.80 -13.04 -6.83
CA ALA B 689 -40.16 -13.14 -7.32
C ALA B 689 -40.88 -11.81 -7.15
N SER B 690 -40.33 -10.93 -6.30
CA SER B 690 -40.95 -9.64 -6.05
C SER B 690 -39.93 -8.51 -5.81
N PRO B 691 -39.12 -8.19 -6.82
CA PRO B 691 -38.13 -7.14 -6.64
C PRO B 691 -38.81 -5.79 -6.42
N LYS B 692 -38.26 -5.00 -5.50
CA LYS B 692 -38.80 -3.67 -5.22
C LYS B 692 -37.94 -2.60 -5.88
N GLU B 693 -36.74 -3.01 -6.26
CA GLU B 693 -35.79 -2.12 -6.92
C GLU B 693 -36.44 -1.26 -8.02
N ALA B 694 -35.81 -0.11 -8.31
CA ALA B 694 -36.30 0.86 -9.30
C ALA B 694 -36.21 0.40 -10.75
N TYR B 695 -35.05 0.63 -11.35
CA TYR B 695 -34.81 0.28 -12.75
C TYR B 695 -35.63 -0.87 -13.28
N PHE B 696 -35.96 -1.83 -12.41
CA PHE B 696 -36.75 -3.00 -12.81
C PHE B 696 -38.23 -2.61 -12.94
N GLN B 697 -38.78 -2.02 -11.88
CA GLN B 697 -40.19 -1.61 -11.81
C GLN B 697 -40.95 -1.50 -13.14
N GLU B 698 -40.37 -0.81 -14.11
CA GLU B 698 -41.03 -0.64 -15.40
C GLU B 698 -41.05 -1.95 -16.17
N LYS B 699 -39.90 -2.26 -16.79
CA LYS B 699 -39.70 -3.48 -17.58
C LYS B 699 -40.43 -4.72 -17.07
N VAL B 700 -40.83 -4.68 -15.80
CA VAL B 700 -41.55 -5.81 -15.23
C VAL B 700 -43.05 -5.60 -15.37
N ASN B 701 -43.55 -4.42 -15.01
CA ASN B 701 -44.98 -4.12 -15.15
C ASN B 701 -45.31 -4.38 -16.60
N ASN B 702 -44.29 -4.17 -17.43
CA ASN B 702 -44.35 -4.38 -18.88
C ASN B 702 -44.55 -5.85 -19.22
N LEU B 703 -43.75 -6.71 -18.60
CA LEU B 703 -43.85 -8.13 -18.85
C LEU B 703 -44.94 -8.72 -18.02
N LYS B 704 -45.36 -7.98 -16.99
CA LYS B 704 -46.44 -8.43 -16.13
C LYS B 704 -47.72 -8.14 -16.90
N HIS B 705 -47.57 -7.47 -18.05
CA HIS B 705 -48.68 -7.09 -18.92
C HIS B 705 -49.22 -8.28 -19.71
N ALA B 706 -48.44 -8.79 -20.65
CA ALA B 706 -48.86 -9.92 -21.47
C ALA B 706 -49.18 -11.17 -20.63
N ILE B 707 -49.09 -11.03 -19.32
CA ILE B 707 -49.41 -12.12 -18.40
C ILE B 707 -50.79 -11.80 -17.82
N GLU B 708 -51.07 -10.50 -17.69
CA GLU B 708 -52.35 -10.03 -17.17
C GLU B 708 -53.22 -9.53 -18.34
N ASN B 709 -52.83 -9.92 -19.55
CA ASN B 709 -53.52 -9.57 -20.80
C ASN B 709 -54.07 -10.85 -21.42
N ILE B 710 -53.38 -11.37 -22.43
CA ILE B 710 -53.78 -12.60 -23.10
C ILE B 710 -53.74 -13.64 -21.98
N ASP B 711 -52.54 -13.86 -21.45
CA ASP B 711 -52.29 -14.81 -20.37
C ASP B 711 -52.52 -16.24 -20.87
N THR B 712 -53.37 -16.35 -21.89
CA THR B 712 -53.73 -17.61 -22.51
C THR B 712 -52.73 -18.07 -23.57
N PHE B 713 -52.96 -17.67 -24.82
CA PHE B 713 -52.08 -18.06 -25.93
C PHE B 713 -50.66 -17.54 -25.75
N TYR B 714 -50.36 -16.99 -24.58
CA TYR B 714 -49.02 -16.48 -24.33
C TYR B 714 -48.11 -17.66 -23.98
N LYS B 715 -47.86 -17.83 -22.69
CA LYS B 715 -46.98 -18.89 -22.22
C LYS B 715 -46.92 -20.10 -23.14
N GLU B 716 -48.05 -20.52 -23.68
CA GLU B 716 -48.09 -21.67 -24.58
C GLU B 716 -47.27 -21.42 -25.86
N ALA B 717 -47.45 -20.25 -26.47
CA ALA B 717 -46.74 -19.91 -27.70
C ALA B 717 -45.25 -19.82 -27.47
N GLU B 718 -44.87 -19.21 -26.35
CA GLU B 718 -43.46 -19.07 -25.98
C GLU B 718 -42.90 -20.45 -26.04
N LYS B 719 -43.64 -21.36 -25.42
CA LYS B 719 -43.27 -22.76 -25.38
C LYS B 719 -43.04 -23.19 -26.83
N LYS B 720 -43.95 -22.80 -27.71
CA LYS B 720 -43.79 -23.15 -29.11
C LYS B 720 -42.54 -22.44 -29.64
N LEU B 721 -42.30 -21.21 -29.20
CA LEU B 721 -41.13 -20.48 -29.68
C LEU B 721 -39.90 -21.27 -29.30
N ILE B 722 -39.70 -21.42 -27.99
CA ILE B 722 -38.55 -22.13 -27.45
C ILE B 722 -38.49 -23.60 -27.90
N HIS B 723 -39.64 -24.28 -27.89
CA HIS B 723 -39.73 -25.69 -28.28
C HIS B 723 -39.13 -26.00 -29.66
N VAL B 724 -39.29 -25.07 -30.61
CA VAL B 724 -38.78 -25.24 -31.98
C VAL B 724 -37.28 -24.97 -32.10
N LEU B 725 -36.81 -23.92 -31.44
CA LEU B 725 -35.40 -23.55 -31.47
C LEU B 725 -34.52 -24.71 -31.03
N GLU B 726 -35.12 -25.73 -30.43
CA GLU B 726 -34.39 -26.90 -29.94
C GLU B 726 -34.20 -27.98 -31.04
#